data_3D2U
#
_entry.id   3D2U
#
_cell.length_a   52.366
_cell.length_b   98.110
_cell.length_c   172.147
_cell.angle_alpha   90.000
_cell.angle_beta   98.460
_cell.angle_gamma   90.000
#
_symmetry.space_group_name_H-M   'P 1 21 1'
#
loop_
_entity.id
_entity.type
_entity.pdbx_description
1 polymer 'UL18 protein'
2 polymer Beta-2-microglobulin
3 polymer 'Leukocyte immunoglobulin-like receptor subfamily B member 1'
4 polymer Actin
5 non-polymer 2-acetamido-2-deoxy-beta-D-glucopyranose
6 non-polymer alpha-D-mannopyranose
7 non-polymer beta-D-mannopyranose
8 non-polymer alpha-L-fucopyranose
9 water water
#
loop_
_entity_poly.entity_id
_entity_poly.type
_entity_poly.pdbx_seq_one_letter_code
_entity_poly.pdbx_strand_id
1 'polypeptide(L)'
;HVLRYGYTGIFDDTSHMTLTVVGIFDGQHFFTYHVQSSDKASSRANGTISWMANVSAAYPTYLDGERAKGDLIFNQTEQN
LLELEIALGYRSQSVLTWTHECNTTENGSFVAGYEGFGWDGETLMELKDNLTLWTGPNYEISWLKQQKTYIDGKIKNISE
GDTTIQRNYLKGNCTQWSVIYSGFQPPVTHPVVKGGVRNQNDNRAEAFCTSYGFFPGEIQITFIHYGDKVPEDSEPQCNP
LLPTLDGTFHQGCYVAIFSNQNYTCRVTHGNWTVEIPISVT
;
A,E
2 'polypeptide(L)'
;IQRTPKIQVYSRHPAENGKSNFLNCYVSGFHPSDIEVDLLKNGERIEKVEHSDLSFSKDWSFYLLYYTEFTPTEKDEYAC
RVNHVTLSQPKIVKWDRDM
;
B,F
3 'polypeptide(L)'
;GHLPKPTLWAEPGSVITQGSPVTLRCQGGQETQEYRLYREKKTAPWITRIPQELVKKGQFPIPSITWEHAGRYRCYYGSD
TAGRSESSDPLELVVTGAYIKPTLSAQPSPVVNSGGNVTLQCDSQVAFDGFILCKEGEDEHPQCLNSQPHARGSSRAIFS
VGPVSPSRRWWYRCYAYDSNSPYEWSLPSDLLELLVLG
;
D,H
4 'polypeptide(L)' ALPHAILRL G,C
#
# COMPACT_ATOMS: atom_id res chain seq x y z
N HIS A 1 23.42 1.90 6.87
CA HIS A 1 23.56 2.59 5.56
C HIS A 1 24.85 2.15 4.88
N VAL A 2 24.91 2.35 3.56
CA VAL A 2 26.10 2.00 2.82
C VAL A 2 26.25 2.94 1.62
N LEU A 3 27.37 3.65 1.62
CA LEU A 3 27.69 4.58 0.55
C LEU A 3 28.80 3.88 -0.24
N ARG A 4 28.48 3.52 -1.49
CA ARG A 4 29.42 2.82 -2.35
C ARG A 4 29.68 3.55 -3.65
N TYR A 5 30.94 3.54 -4.10
CA TYR A 5 31.30 4.16 -5.37
C TYR A 5 31.94 3.10 -6.27
N GLY A 6 31.46 3.03 -7.51
CA GLY A 6 32.00 2.06 -8.44
C GLY A 6 32.68 2.78 -9.59
N TYR A 7 33.92 2.39 -9.88
CA TYR A 7 34.66 3.01 -10.98
C TYR A 7 35.01 2.00 -12.06
N THR A 8 34.60 2.27 -13.29
CA THR A 8 34.90 1.39 -14.40
C THR A 8 35.71 2.18 -15.42
N GLY A 9 36.99 1.84 -15.54
CA GLY A 9 37.87 2.51 -16.48
C GLY A 9 38.24 1.57 -17.60
N ILE A 10 37.76 1.86 -18.81
CA ILE A 10 38.02 1.00 -19.94
C ILE A 10 39.13 1.58 -20.82
N PHE A 11 40.07 0.72 -21.19
CA PHE A 11 41.16 1.11 -22.07
C PHE A 11 40.86 0.46 -23.42
N ASP A 12 40.68 1.27 -24.47
CA ASP A 12 40.45 0.72 -25.80
C ASP A 12 41.67 1.04 -26.68
N ASP A 13 42.11 2.30 -26.62
CA ASP A 13 43.27 2.83 -27.39
C ASP A 13 44.16 3.59 -26.45
N THR A 14 45.29 4.03 -26.99
CA THR A 14 46.20 4.87 -26.22
C THR A 14 45.49 6.23 -26.17
N SER A 15 44.54 6.44 -27.08
CA SER A 15 43.79 7.70 -27.13
C SER A 15 42.29 7.53 -26.88
N HIS A 16 41.88 6.30 -26.56
CA HIS A 16 40.47 6.01 -26.29
C HIS A 16 40.30 5.26 -24.96
N MET A 17 39.87 6.01 -23.95
CA MET A 17 39.64 5.47 -22.61
C MET A 17 38.35 6.09 -22.04
N THR A 18 37.59 5.28 -21.31
CA THR A 18 36.34 5.74 -20.71
C THR A 18 36.35 5.48 -19.21
N LEU A 19 35.71 6.36 -18.46
CA LEU A 19 35.56 6.17 -17.03
C LEU A 19 34.12 6.51 -16.72
N THR A 20 33.45 5.63 -16.00
CA THR A 20 32.10 5.90 -15.58
C THR A 20 32.15 5.55 -14.11
N VAL A 21 31.86 6.50 -13.25
CA VAL A 21 31.84 6.18 -11.85
C VAL A 21 30.42 6.45 -11.35
N VAL A 22 29.92 5.51 -10.56
CA VAL A 22 28.57 5.57 -10.01
C VAL A 22 28.60 5.54 -8.49
N GLY A 23 27.76 6.36 -7.88
CA GLY A 23 27.66 6.38 -6.44
C GLY A 23 26.35 5.68 -6.11
N ILE A 24 26.38 4.83 -5.09
CA ILE A 24 25.19 4.08 -4.71
C ILE A 24 25.00 4.19 -3.20
N PHE A 25 23.82 4.58 -2.77
CA PHE A 25 23.53 4.76 -1.34
C PHE A 25 22.35 3.87 -0.98
N ASP A 26 22.58 2.92 -0.08
CA ASP A 26 21.57 1.97 0.34
C ASP A 26 20.92 1.31 -0.87
N GLY A 27 21.75 0.92 -1.85
CA GLY A 27 21.22 0.26 -3.03
C GLY A 27 20.64 1.16 -4.10
N GLN A 28 20.57 2.46 -3.84
CA GLN A 28 20.03 3.39 -4.83
C GLN A 28 21.14 4.13 -5.58
N HIS A 29 21.12 4.03 -6.90
CA HIS A 29 22.11 4.71 -7.74
C HIS A 29 21.70 6.17 -7.83
N PHE A 30 22.46 7.04 -7.16
CA PHE A 30 22.15 8.48 -7.13
C PHE A 30 23.12 9.40 -7.86
N PHE A 31 24.33 8.91 -8.14
CA PHE A 31 25.33 9.75 -8.79
C PHE A 31 26.14 9.07 -9.89
N THR A 32 26.46 9.83 -10.92
CA THR A 32 27.27 9.32 -12.02
C THR A 32 28.23 10.37 -12.55
N TYR A 33 29.46 9.95 -12.79
CA TYR A 33 30.48 10.80 -13.40
C TYR A 33 30.96 10.00 -14.59
N HIS A 34 30.95 10.63 -15.75
CA HIS A 34 31.36 9.99 -17.00
C HIS A 34 32.28 10.92 -17.79
N VAL A 35 33.22 10.33 -18.52
CA VAL A 35 34.19 11.08 -19.31
C VAL A 35 34.90 10.13 -20.27
N GLN A 36 35.27 10.63 -21.45
CA GLN A 36 35.99 9.83 -22.45
C GLN A 36 37.18 10.67 -22.90
N SER A 37 38.28 10.00 -23.19
CA SER A 37 39.49 10.67 -23.65
C SER A 37 39.23 11.46 -24.92
N SER A 38 38.46 10.86 -25.82
CA SER A 38 38.11 11.51 -27.10
C SER A 38 37.59 12.92 -26.80
N ASP A 39 36.50 13.06 -26.05
CA ASP A 39 35.97 14.37 -25.65
C ASP A 39 36.60 14.55 -24.26
N LYS A 40 36.07 15.33 -23.37
CA LYS A 40 36.65 15.29 -22.01
C LYS A 40 36.06 16.46 -21.32
N ALA A 41 35.61 17.27 -22.28
CA ALA A 41 34.93 18.53 -22.11
C ALA A 41 33.52 18.20 -21.86
N SER A 42 33.12 17.31 -22.66
CA SER A 42 31.76 16.91 -22.46
C SER A 42 31.77 16.05 -21.20
N SER A 43 32.74 16.19 -20.27
CA SER A 43 32.64 15.38 -19.06
C SER A 43 31.44 15.85 -18.24
N ARG A 44 30.75 14.91 -17.60
CA ARG A 44 29.55 15.21 -16.82
C ARG A 44 29.45 14.58 -15.43
N ALA A 45 28.66 15.26 -14.59
CA ALA A 45 28.34 14.86 -13.21
C ALA A 45 26.84 15.09 -13.12
N ASN A 46 26.08 14.01 -12.95
CA ASN A 46 24.62 14.12 -12.88
C ASN A 46 24.05 13.41 -11.67
N GLY A 47 22.95 13.93 -11.17
CA GLY A 47 22.25 13.28 -10.10
C GLY A 47 21.47 12.26 -10.92
N THR A 48 21.20 11.08 -10.39
CA THR A 48 20.49 10.10 -11.19
C THR A 48 19.27 9.51 -10.47
N ILE A 49 18.77 10.24 -9.48
CA ILE A 49 17.57 9.82 -8.79
C ILE A 49 16.89 11.12 -8.36
N SER A 50 15.57 11.10 -8.24
CA SER A 50 14.82 12.33 -7.91
C SER A 50 15.26 13.09 -6.67
N TRP A 51 15.61 12.41 -5.59
CA TRP A 51 16.01 13.15 -4.41
C TRP A 51 17.31 13.94 -4.53
N MET A 52 18.06 13.68 -5.59
CA MET A 52 19.31 14.40 -5.81
C MET A 52 19.03 15.83 -6.24
N ALA A 53 17.80 16.09 -6.64
CA ALA A 53 17.43 17.44 -7.03
C ALA A 53 17.43 18.22 -5.72
N ASN A 54 16.90 17.60 -4.66
CA ASN A 54 16.85 18.25 -3.34
C ASN A 54 18.29 18.48 -2.86
N VAL A 55 19.16 17.51 -3.14
CA VAL A 55 20.55 17.63 -2.74
C VAL A 55 21.14 18.85 -3.44
N SER A 56 20.94 18.97 -4.74
CA SER A 56 21.47 20.11 -5.48
C SER A 56 20.91 21.46 -5.07
N ALA A 57 19.61 21.54 -4.80
CA ALA A 57 19.02 22.81 -4.40
C ALA A 57 19.61 23.24 -3.05
N ALA A 58 19.98 22.27 -2.22
CA ALA A 58 20.56 22.54 -0.90
C ALA A 58 22.09 22.72 -0.90
N TYR A 59 22.75 22.19 -1.92
CA TYR A 59 24.20 22.30 -2.09
C TYR A 59 24.36 22.62 -3.58
N PRO A 60 24.17 23.90 -3.94
CA PRO A 60 24.26 24.37 -5.33
C PRO A 60 25.51 24.05 -6.14
N THR A 61 26.65 23.85 -5.47
CA THR A 61 27.88 23.56 -6.20
C THR A 61 28.37 22.14 -5.99
N TYR A 62 27.45 21.26 -5.60
CA TYR A 62 27.78 19.86 -5.35
C TYR A 62 28.25 19.19 -6.62
N LEU A 63 27.44 19.29 -7.68
CA LEU A 63 27.78 18.67 -8.95
C LEU A 63 29.03 19.22 -9.63
N ASP A 64 29.28 20.52 -9.51
CA ASP A 64 30.49 21.11 -10.10
C ASP A 64 31.70 20.59 -9.36
N GLY A 65 31.55 20.41 -8.05
CA GLY A 65 32.64 19.91 -7.22
C GLY A 65 32.99 18.50 -7.63
N GLU A 66 32.01 17.61 -7.56
CA GLU A 66 32.21 16.21 -7.93
C GLU A 66 32.83 16.08 -9.32
N ARG A 67 32.37 16.89 -10.26
CA ARG A 67 32.87 16.83 -11.62
C ARG A 67 34.35 17.23 -11.70
N ALA A 68 34.76 18.17 -10.85
CA ALA A 68 36.15 18.61 -10.83
C ALA A 68 36.95 17.47 -10.23
N LYS A 69 36.39 16.82 -9.23
CA LYS A 69 37.09 15.69 -8.64
C LYS A 69 37.20 14.59 -9.66
N GLY A 70 36.13 14.40 -10.41
CA GLY A 70 36.12 13.37 -11.43
C GLY A 70 37.14 13.63 -12.52
N ASP A 71 37.19 14.87 -13.01
CA ASP A 71 38.14 15.25 -14.05
C ASP A 71 39.56 14.87 -13.63
N LEU A 72 39.86 15.10 -12.36
CA LEU A 72 41.17 14.78 -11.83
C LEU A 72 41.45 13.29 -11.81
N ILE A 73 40.49 12.56 -11.26
CA ILE A 73 40.60 11.12 -11.12
C ILE A 73 40.86 10.48 -12.49
N PHE A 74 40.17 10.98 -13.53
CA PHE A 74 40.33 10.45 -14.88
C PHE A 74 41.76 10.67 -15.37
N ASN A 75 42.34 11.81 -15.02
CA ASN A 75 43.70 12.10 -15.45
C ASN A 75 44.59 10.99 -14.91
N GLN A 76 44.52 10.76 -13.60
CA GLN A 76 45.28 9.71 -12.98
C GLN A 76 44.86 8.37 -13.58
N THR A 77 43.56 8.19 -13.81
CA THR A 77 43.07 6.93 -14.35
C THR A 77 43.68 6.62 -15.72
N GLU A 78 43.81 7.66 -16.56
CA GLU A 78 44.40 7.45 -17.87
C GLU A 78 45.80 6.88 -17.77
N GLN A 79 46.57 7.36 -16.79
CA GLN A 79 47.92 6.86 -16.59
C GLN A 79 47.87 5.43 -16.09
N ASN A 80 47.02 5.17 -15.10
CA ASN A 80 46.91 3.83 -14.56
C ASN A 80 46.51 2.78 -15.60
N LEU A 81 45.60 3.15 -16.51
CA LEU A 81 45.18 2.19 -17.53
C LEU A 81 46.32 1.85 -18.48
N LEU A 82 46.94 2.89 -19.04
CA LEU A 82 48.06 2.70 -19.96
C LEU A 82 49.13 1.82 -19.33
N GLU A 83 49.36 2.03 -18.03
CA GLU A 83 50.37 1.29 -17.32
C GLU A 83 50.03 -0.17 -17.06
N LEU A 84 48.77 -0.48 -16.77
CA LEU A 84 48.40 -1.88 -16.55
C LEU A 84 48.32 -2.62 -17.87
N GLU A 85 47.86 -1.94 -18.92
CA GLU A 85 47.77 -2.59 -20.22
C GLU A 85 49.18 -2.98 -20.69
N ILE A 86 50.14 -2.08 -20.49
CA ILE A 86 51.52 -2.32 -20.88
C ILE A 86 52.13 -3.46 -20.05
N ALA A 87 52.00 -3.38 -18.74
CA ALA A 87 52.58 -4.38 -17.85
C ALA A 87 51.84 -5.72 -17.81
N LEU A 88 50.51 -5.68 -17.76
CA LEU A 88 49.74 -6.91 -17.65
C LEU A 88 49.08 -7.46 -18.92
N GLY A 89 48.75 -6.57 -19.86
CA GLY A 89 48.06 -7.04 -21.05
C GLY A 89 46.70 -7.51 -20.54
N TYR A 90 45.89 -8.19 -21.33
CA TYR A 90 44.61 -8.65 -20.82
C TYR A 90 44.22 -9.93 -21.51
N ARG A 91 43.26 -10.65 -20.94
CA ARG A 91 42.79 -11.89 -21.50
C ARG A 91 41.38 -11.71 -22.11
N SER A 92 40.52 -10.96 -21.44
CA SER A 92 39.17 -10.75 -21.94
C SER A 92 38.90 -9.28 -22.27
N GLN A 93 39.28 -8.39 -21.37
CA GLN A 93 39.08 -6.97 -21.60
C GLN A 93 40.02 -6.17 -20.72
N SER A 94 40.64 -5.14 -21.30
CA SER A 94 41.54 -4.31 -20.55
C SER A 94 40.72 -3.25 -19.80
N VAL A 95 40.12 -3.66 -18.68
CA VAL A 95 39.29 -2.78 -17.83
C VAL A 95 39.75 -2.82 -16.39
N LEU A 96 39.80 -1.66 -15.76
CA LEU A 96 40.14 -1.62 -14.35
C LEU A 96 38.82 -1.22 -13.68
N THR A 97 38.40 -2.01 -12.70
CA THR A 97 37.17 -1.76 -11.96
C THR A 97 37.58 -1.66 -10.51
N TRP A 98 37.28 -0.53 -9.88
CA TRP A 98 37.61 -0.38 -8.48
C TRP A 98 36.46 0.23 -7.72
N THR A 99 36.46 0.04 -6.41
CA THR A 99 35.34 0.51 -5.62
C THR A 99 35.70 0.75 -4.16
N HIS A 100 34.96 1.63 -3.51
CA HIS A 100 35.15 1.89 -2.10
C HIS A 100 33.78 1.98 -1.44
N GLU A 101 33.72 1.43 -0.24
CA GLU A 101 32.49 1.33 0.51
C GLU A 101 32.60 1.79 1.94
N CYS A 102 31.48 2.34 2.40
CA CYS A 102 31.28 2.96 3.71
C CYS A 102 30.15 2.29 4.47
N ASN A 103 30.42 1.65 5.59
CA ASN A 103 29.30 1.14 6.34
C ASN A 103 29.13 1.96 7.60
N THR A 104 27.90 2.41 7.84
CA THR A 104 27.58 3.22 9.01
C THR A 104 26.30 2.70 9.67
N THR A 105 26.03 3.17 10.89
CA THR A 105 24.81 2.78 11.61
C THR A 105 23.79 3.84 11.21
N GLU A 106 22.54 3.65 11.65
CA GLU A 106 21.49 4.62 11.33
C GLU A 106 21.95 6.03 11.62
N ASN A 107 22.48 6.22 12.83
CA ASN A 107 22.94 7.54 13.27
C ASN A 107 24.26 8.05 12.68
N GLY A 108 24.73 7.41 11.61
CA GLY A 108 25.93 7.88 10.94
C GLY A 108 27.33 7.44 11.34
N SER A 109 27.48 6.61 12.37
CA SER A 109 28.81 6.19 12.81
C SER A 109 29.45 5.05 12.00
N PHE A 110 30.75 5.19 11.71
CA PHE A 110 31.50 4.22 10.93
C PHE A 110 31.52 2.81 11.51
N VAL A 111 30.99 1.84 10.76
CA VAL A 111 31.00 0.45 11.20
C VAL A 111 32.07 -0.33 10.44
N ALA A 112 32.13 -0.14 9.12
CA ALA A 112 33.11 -0.86 8.30
C ALA A 112 33.49 -0.19 6.97
N GLY A 113 34.66 -0.57 6.46
CA GLY A 113 35.16 -0.01 5.22
C GLY A 113 35.80 -1.02 4.25
N TYR A 114 35.92 -0.61 2.99
CA TYR A 114 36.50 -1.45 1.94
C TYR A 114 36.92 -0.68 0.70
N GLU A 115 38.07 -1.05 0.15
CA GLU A 115 38.51 -0.47 -1.12
C GLU A 115 39.04 -1.67 -1.90
N GLY A 116 38.66 -1.76 -3.16
CA GLY A 116 39.09 -2.88 -3.97
C GLY A 116 39.30 -2.59 -5.45
N PHE A 117 40.27 -3.28 -6.03
CA PHE A 117 40.61 -3.14 -7.43
C PHE A 117 40.59 -4.50 -8.11
N GLY A 118 40.20 -4.48 -9.37
CA GLY A 118 40.17 -5.69 -10.16
C GLY A 118 40.52 -5.32 -11.58
N TRP A 119 41.38 -6.11 -12.23
CA TRP A 119 41.70 -5.82 -13.62
C TRP A 119 41.26 -7.03 -14.44
N ASP A 120 40.65 -6.74 -15.59
CA ASP A 120 40.15 -7.80 -16.47
C ASP A 120 39.36 -8.82 -15.66
N GLY A 121 38.52 -8.33 -14.74
CA GLY A 121 37.70 -9.20 -13.93
C GLY A 121 38.44 -10.00 -12.87
N GLU A 122 39.73 -9.70 -12.68
CA GLU A 122 40.57 -10.41 -11.71
C GLU A 122 40.89 -9.50 -10.54
N THR A 123 40.68 -9.97 -9.31
CA THR A 123 41.03 -9.12 -8.18
C THR A 123 42.54 -8.85 -8.21
N LEU A 124 42.86 -7.57 -8.11
CA LEU A 124 44.24 -7.08 -8.15
C LEU A 124 44.78 -6.77 -6.74
N MET A 125 44.00 -6.03 -5.96
CA MET A 125 44.34 -5.68 -4.58
C MET A 125 43.12 -5.16 -3.79
N GLU A 126 43.15 -5.38 -2.49
CA GLU A 126 42.05 -5.00 -1.60
C GLU A 126 42.55 -4.41 -0.28
N LEU A 127 41.64 -3.73 0.41
CA LEU A 127 41.92 -3.11 1.70
C LEU A 127 40.66 -3.30 2.55
N LYS A 128 40.79 -4.08 3.62
CA LYS A 128 39.67 -4.36 4.49
C LYS A 128 39.97 -4.06 5.94
N ASP A 129 39.13 -4.58 6.81
CA ASP A 129 39.28 -4.54 8.25
C ASP A 129 39.99 -3.28 8.77
N ASN A 130 40.96 -3.41 9.57
CA ASN A 130 41.58 -2.16 10.04
C ASN A 130 41.93 -1.12 8.94
N LEU A 131 41.88 -1.52 7.67
CA LEU A 131 42.21 -0.62 6.56
C LEU A 131 43.65 -0.09 6.63
N THR A 132 44.57 -0.98 6.97
CA THR A 132 45.99 -0.63 7.05
C THR A 132 46.85 -1.55 6.14
N LEU A 133 46.42 -2.79 5.94
CA LEU A 133 47.17 -3.78 5.13
C LEU A 133 46.55 -4.24 3.80
N TRP A 134 47.13 -3.84 2.66
CA TRP A 134 46.59 -4.27 1.35
C TRP A 134 46.93 -5.72 1.04
N THR A 135 45.98 -6.46 0.48
CA THR A 135 46.21 -7.83 0.08
C THR A 135 46.26 -7.82 -1.44
N GLY A 136 46.65 -8.95 -2.04
CA GLY A 136 46.76 -9.01 -3.49
C GLY A 136 45.90 -10.01 -4.21
N PRO A 137 46.25 -10.40 -5.46
CA PRO A 137 45.42 -11.36 -6.17
C PRO A 137 45.38 -12.72 -5.50
N ASN A 138 44.45 -13.54 -5.94
CA ASN A 138 44.38 -14.89 -5.44
C ASN A 138 45.14 -15.62 -6.54
N TYR A 139 46.46 -15.57 -6.46
CA TYR A 139 47.31 -16.19 -7.47
C TYR A 139 47.07 -17.67 -7.77
N GLU A 140 46.33 -18.37 -6.91
CA GLU A 140 46.09 -19.79 -7.16
C GLU A 140 45.07 -20.04 -8.27
N ILE A 141 44.14 -19.11 -8.47
CA ILE A 141 43.11 -19.28 -9.50
C ILE A 141 43.14 -18.21 -10.59
N SER A 142 43.98 -17.20 -10.42
CA SER A 142 44.03 -16.09 -11.38
C SER A 142 45.16 -16.07 -12.41
N TRP A 143 44.82 -15.70 -13.64
CA TRP A 143 45.85 -15.61 -14.68
C TRP A 143 46.86 -14.55 -14.30
N LEU A 144 46.53 -13.75 -13.28
CA LEU A 144 47.44 -12.69 -12.83
C LEU A 144 48.76 -13.23 -12.25
N LYS A 145 48.86 -14.54 -12.06
CA LYS A 145 50.10 -15.10 -11.53
C LYS A 145 51.21 -14.88 -12.57
N GLN A 146 50.80 -14.73 -13.83
CA GLN A 146 51.74 -14.49 -14.93
C GLN A 146 52.58 -13.24 -14.65
N GLN A 147 52.08 -12.34 -13.82
CA GLN A 147 52.81 -11.13 -13.49
C GLN A 147 52.81 -10.90 -11.97
N LYS A 148 53.03 -11.97 -11.22
CA LYS A 148 53.05 -11.92 -9.76
C LYS A 148 54.07 -11.01 -9.12
N THR A 149 55.34 -11.13 -9.52
CA THR A 149 56.32 -10.27 -8.91
C THR A 149 56.06 -8.79 -9.21
N TYR A 150 55.55 -8.47 -10.41
CA TYR A 150 55.24 -7.07 -10.71
C TYR A 150 54.09 -6.59 -9.82
N ILE A 151 53.02 -7.37 -9.74
CA ILE A 151 51.87 -6.98 -8.92
C ILE A 151 52.27 -6.83 -7.44
N ASP A 152 52.97 -7.84 -6.90
CA ASP A 152 53.42 -7.80 -5.50
C ASP A 152 54.29 -6.59 -5.25
N GLY A 153 55.06 -6.22 -6.27
CA GLY A 153 55.94 -5.07 -6.16
C GLY A 153 55.14 -3.78 -6.11
N LYS A 154 54.05 -3.73 -6.87
CA LYS A 154 53.22 -2.53 -6.88
C LYS A 154 52.48 -2.42 -5.56
N ILE A 155 51.95 -3.54 -5.09
CA ILE A 155 51.23 -3.58 -3.83
C ILE A 155 52.17 -3.28 -2.67
N LYS A 156 53.36 -3.89 -2.65
CA LYS A 156 54.28 -3.63 -1.55
C LYS A 156 54.73 -2.17 -1.51
N ASN A 157 54.73 -1.53 -2.66
CA ASN A 157 55.17 -0.16 -2.76
C ASN A 157 54.11 0.90 -2.41
N ILE A 158 52.94 0.47 -1.95
CA ILE A 158 51.88 1.42 -1.56
C ILE A 158 52.22 1.96 -0.16
N SER A 159 52.52 3.27 -0.08
CA SER A 159 52.85 3.88 1.20
C SER A 159 51.81 3.62 2.28
N GLU A 160 52.14 3.98 3.52
CA GLU A 160 51.20 3.85 4.62
C GLU A 160 50.50 5.20 4.62
N GLY A 161 51.15 6.14 3.94
CA GLY A 161 50.66 7.51 3.82
C GLY A 161 49.63 7.77 2.74
N ASP A 162 49.67 6.99 1.66
CA ASP A 162 48.66 7.14 0.61
C ASP A 162 47.47 6.30 1.07
N THR A 163 47.76 5.30 1.89
CA THR A 163 46.76 4.39 2.44
C THR A 163 45.90 5.02 3.52
N THR A 164 46.55 5.69 4.46
CA THR A 164 45.83 6.33 5.54
C THR A 164 44.83 7.34 4.99
N ILE A 165 45.22 8.10 3.98
CA ILE A 165 44.26 9.08 3.46
C ILE A 165 43.03 8.34 2.90
N GLN A 166 43.22 7.16 2.32
CA GLN A 166 42.06 6.43 1.81
C GLN A 166 41.21 6.02 3.02
N ARG A 167 41.85 5.60 4.10
CA ARG A 167 41.14 5.18 5.32
C ARG A 167 40.38 6.33 5.98
N ASN A 168 40.97 7.52 5.98
CA ASN A 168 40.34 8.68 6.60
C ASN A 168 39.16 9.20 5.79
N TYR A 169 39.19 8.96 4.48
CA TYR A 169 38.08 9.39 3.65
C TYR A 169 36.92 8.46 4.01
N LEU A 170 37.22 7.16 4.09
CA LEU A 170 36.21 6.16 4.43
C LEU A 170 35.59 6.41 5.82
N LYS A 171 36.44 6.73 6.78
CA LYS A 171 36.02 7.01 8.17
C LYS A 171 35.59 8.46 8.33
N GLY A 172 36.04 9.30 7.42
CA GLY A 172 35.70 10.70 7.53
C GLY A 172 34.51 11.11 6.72
N ASN A 173 34.81 11.75 5.61
CA ASN A 173 33.81 12.28 4.72
C ASN A 173 32.81 11.28 4.23
N CYS A 174 33.28 10.06 4.00
CA CYS A 174 32.37 9.07 3.52
C CYS A 174 31.22 8.81 4.51
N THR A 175 31.52 8.72 5.81
CA THR A 175 30.47 8.49 6.80
C THR A 175 29.68 9.78 7.02
N GLN A 176 30.31 10.91 6.68
CA GLN A 176 29.70 12.22 6.82
C GLN A 176 28.72 12.53 5.70
N TRP A 177 29.04 12.11 4.48
CA TRP A 177 28.13 12.35 3.39
C TRP A 177 27.01 11.34 3.46
N SER A 178 27.26 10.25 4.18
CA SER A 178 26.25 9.24 4.34
C SER A 178 25.16 9.83 5.23
N VAL A 179 25.53 10.60 6.25
CA VAL A 179 24.51 11.21 7.10
C VAL A 179 23.68 12.17 6.26
N ILE A 180 24.34 13.03 5.49
CA ILE A 180 23.65 13.98 4.63
C ILE A 180 22.68 13.21 3.69
N TYR A 181 23.19 12.25 2.93
CA TYR A 181 22.37 11.46 1.99
C TYR A 181 21.16 10.84 2.68
N SER A 182 21.36 10.46 3.93
CA SER A 182 20.35 9.86 4.79
C SER A 182 19.14 10.79 4.98
N GLY A 183 19.43 12.09 5.07
CA GLY A 183 18.38 13.06 5.26
C GLY A 183 17.54 13.32 4.03
N PHE A 184 18.01 12.85 2.88
CA PHE A 184 17.28 13.08 1.63
C PHE A 184 16.64 11.83 1.02
N GLN A 185 17.16 10.64 1.31
CA GLN A 185 16.61 9.42 0.71
C GLN A 185 15.13 9.27 1.05
N PRO A 186 14.36 8.55 0.19
CA PRO A 186 12.94 8.38 0.47
C PRO A 186 12.69 7.57 1.75
N PRO A 187 11.44 7.56 2.22
CA PRO A 187 11.07 6.81 3.42
C PRO A 187 10.80 5.37 2.98
N VAL A 188 10.61 4.45 3.91
CA VAL A 188 10.32 3.06 3.53
C VAL A 188 9.13 3.04 2.59
N THR A 189 9.27 2.36 1.47
CA THR A 189 8.22 2.29 0.48
C THR A 189 7.81 0.82 0.28
N HIS A 190 6.60 0.50 0.71
CA HIS A 190 6.05 -0.86 0.61
C HIS A 190 5.61 -1.18 -0.82
N PRO A 191 5.68 -2.46 -1.20
CA PRO A 191 5.29 -2.90 -2.54
C PRO A 191 3.81 -2.97 -2.83
N VAL A 192 3.50 -2.96 -4.11
CA VAL A 192 2.16 -3.17 -4.60
C VAL A 192 2.33 -4.67 -4.80
N VAL A 193 1.42 -5.47 -4.26
CA VAL A 193 1.54 -6.91 -4.39
C VAL A 193 0.40 -7.48 -5.23
N LYS A 194 0.72 -8.38 -6.15
CA LYS A 194 -0.28 -8.99 -7.01
C LYS A 194 -0.03 -10.47 -7.12
N GLY A 195 -1.11 -11.26 -7.14
CA GLY A 195 -0.96 -12.71 -7.24
C GLY A 195 -2.14 -13.39 -7.88
N GLY A 196 -1.98 -14.67 -8.21
CA GLY A 196 -3.06 -15.43 -8.81
C GLY A 196 -2.58 -16.80 -9.21
N VAL A 197 -3.38 -17.51 -10.00
CA VAL A 197 -3.00 -18.83 -10.48
C VAL A 197 -3.18 -18.81 -12.00
N ARG A 198 -2.38 -19.61 -12.69
CA ARG A 198 -2.42 -19.65 -14.15
C ARG A 198 -1.97 -21.02 -14.65
N ASN A 199 -1.96 -21.17 -15.98
CA ASN A 199 -1.52 -22.39 -16.64
C ASN A 199 -2.03 -23.71 -16.05
N GLN A 200 -3.33 -23.82 -16.02
CA GLN A 200 -3.96 -25.02 -15.51
C GLN A 200 -3.55 -26.20 -16.37
N ASN A 201 -3.19 -27.32 -15.76
CA ASN A 201 -2.76 -28.53 -16.46
C ASN A 201 -3.33 -29.69 -15.71
N ASP A 202 -4.37 -30.23 -16.27
CA ASP A 202 -5.05 -31.30 -15.56
C ASP A 202 -5.45 -30.72 -14.17
N ASN A 203 -5.15 -31.43 -13.09
CA ASN A 203 -5.53 -30.96 -11.76
C ASN A 203 -4.42 -30.12 -11.09
N ARG A 204 -3.45 -29.73 -11.91
CA ARG A 204 -2.29 -28.95 -11.49
C ARG A 204 -2.39 -27.50 -12.01
N ALA A 205 -1.68 -26.57 -11.37
CA ALA A 205 -1.69 -25.17 -11.78
C ALA A 205 -0.45 -24.46 -11.24
N GLU A 206 -0.24 -23.22 -11.65
CA GLU A 206 0.91 -22.47 -11.15
C GLU A 206 0.44 -21.22 -10.43
N ALA A 207 0.85 -21.08 -9.18
CA ALA A 207 0.51 -19.91 -8.40
C ALA A 207 1.67 -18.93 -8.52
N PHE A 208 1.37 -17.64 -8.58
CA PHE A 208 2.42 -16.63 -8.68
C PHE A 208 2.08 -15.47 -7.74
N CYS A 209 3.10 -14.71 -7.36
CA CYS A 209 2.95 -13.56 -6.48
C CYS A 209 4.15 -12.64 -6.70
N THR A 210 3.88 -11.42 -7.13
CA THR A 210 4.94 -10.43 -7.44
C THR A 210 4.83 -9.12 -6.66
N SER A 211 5.97 -8.60 -6.23
CA SER A 211 6.03 -7.34 -5.48
C SER A 211 6.66 -6.27 -6.37
N TYR A 212 6.01 -5.09 -6.41
CA TYR A 212 6.45 -3.99 -7.25
C TYR A 212 6.78 -2.70 -6.50
N GLY A 213 7.84 -2.02 -6.93
CA GLY A 213 8.24 -0.74 -6.37
C GLY A 213 8.53 -0.62 -4.88
N PHE A 214 9.29 -1.55 -4.32
CA PHE A 214 9.58 -1.45 -2.91
C PHE A 214 11.00 -0.99 -2.70
N PHE A 215 11.21 -0.34 -1.54
CA PHE A 215 12.49 0.17 -1.10
C PHE A 215 12.38 0.29 0.43
N PRO A 216 13.36 -0.24 1.20
CA PRO A 216 14.61 -0.90 0.79
C PRO A 216 14.35 -2.21 0.05
N GLY A 217 15.43 -2.78 -0.48
CA GLY A 217 15.32 -4.01 -1.23
C GLY A 217 15.04 -5.33 -0.52
N GLU A 218 15.27 -5.44 0.79
CA GLU A 218 14.99 -6.73 1.42
C GLU A 218 13.50 -6.95 1.57
N ILE A 219 13.08 -8.16 1.27
CA ILE A 219 11.67 -8.51 1.32
C ILE A 219 11.53 -10.03 1.45
N GLN A 220 10.38 -10.47 1.94
CA GLN A 220 10.11 -11.90 2.08
C GLN A 220 8.75 -12.12 1.44
N ILE A 221 8.72 -13.04 0.48
CA ILE A 221 7.52 -13.40 -0.27
C ILE A 221 7.33 -14.90 -0.04
N THR A 222 6.21 -15.26 0.55
CA THR A 222 5.93 -16.67 0.87
C THR A 222 4.51 -17.06 0.46
N PHE A 223 4.33 -18.32 0.06
CA PHE A 223 3.00 -18.79 -0.31
C PHE A 223 2.51 -19.53 0.90
N ILE A 224 1.27 -19.29 1.30
CA ILE A 224 0.78 -20.04 2.44
C ILE A 224 -0.25 -21.02 1.92
N HIS A 225 0.04 -22.28 2.13
CA HIS A 225 -0.81 -23.38 1.72
C HIS A 225 -1.76 -23.74 2.83
N TYR A 226 -3.04 -23.45 2.63
CA TYR A 226 -4.05 -23.81 3.61
C TYR A 226 -4.64 -25.10 3.04
N GLY A 227 -3.97 -26.20 3.34
CA GLY A 227 -4.38 -27.50 2.86
C GLY A 227 -3.32 -28.54 3.15
N ASP A 228 -3.44 -29.70 2.50
CA ASP A 228 -2.50 -30.80 2.73
C ASP A 228 -1.84 -31.36 1.46
N LYS A 229 -2.55 -31.35 0.34
CA LYS A 229 -2.00 -31.90 -0.91
C LYS A 229 -1.19 -30.94 -1.80
N VAL A 230 0.07 -31.32 -2.05
CA VAL A 230 0.96 -30.54 -2.92
C VAL A 230 1.71 -31.44 -3.89
N PRO A 231 1.89 -31.00 -5.14
CA PRO A 231 2.61 -31.84 -6.09
C PRO A 231 4.01 -32.21 -5.59
N GLU A 232 4.45 -33.40 -6.00
CA GLU A 232 5.75 -33.95 -5.63
C GLU A 232 6.93 -33.09 -6.03
N ASP A 233 6.84 -32.53 -7.24
CA ASP A 233 7.89 -31.70 -7.81
C ASP A 233 7.79 -30.25 -7.36
N SER A 234 6.75 -29.92 -6.61
CA SER A 234 6.54 -28.56 -6.17
C SER A 234 7.62 -28.04 -5.24
N GLU A 235 8.02 -26.79 -5.48
CA GLU A 235 9.06 -26.13 -4.69
C GLU A 235 8.91 -24.65 -5.06
N PRO A 236 8.62 -23.80 -4.07
CA PRO A 236 8.47 -22.37 -4.39
C PRO A 236 9.78 -21.82 -4.90
N GLN A 237 9.69 -20.86 -5.82
CA GLN A 237 10.87 -20.29 -6.42
C GLN A 237 10.62 -18.81 -6.77
N CYS A 238 11.62 -17.96 -6.55
CA CYS A 238 11.49 -16.54 -6.88
C CYS A 238 12.52 -16.17 -7.92
N ASN A 239 12.18 -15.23 -8.79
CA ASN A 239 13.13 -14.74 -9.76
C ASN A 239 14.03 -13.84 -8.93
N PRO A 240 15.12 -13.34 -9.52
CA PRO A 240 15.99 -12.46 -8.71
C PRO A 240 15.35 -11.11 -8.35
N LEU A 241 15.94 -10.45 -7.35
CA LEU A 241 15.52 -9.13 -6.91
C LEU A 241 16.09 -8.20 -7.98
N LEU A 242 15.22 -7.45 -8.64
CA LEU A 242 15.62 -6.60 -9.75
C LEU A 242 15.39 -5.12 -9.48
N PRO A 243 16.26 -4.25 -10.01
CA PRO A 243 16.13 -2.81 -9.80
C PRO A 243 15.32 -2.09 -10.88
N THR A 244 14.72 -0.96 -10.53
CA THR A 244 14.07 -0.14 -11.55
C THR A 244 14.71 1.25 -11.43
N LEU A 245 14.59 2.05 -12.50
CA LEU A 245 15.20 3.37 -12.55
C LEU A 245 14.95 4.27 -11.34
N ASP A 246 13.72 4.30 -10.84
CA ASP A 246 13.36 5.16 -9.70
C ASP A 246 13.95 4.75 -8.33
N GLY A 247 14.88 3.82 -8.33
CA GLY A 247 15.48 3.42 -7.08
C GLY A 247 14.72 2.40 -6.25
N THR A 248 13.69 1.78 -6.84
CA THR A 248 12.99 0.76 -6.07
C THR A 248 13.24 -0.61 -6.69
N PHE A 249 12.67 -1.63 -6.07
CA PHE A 249 12.89 -2.98 -6.53
C PHE A 249 11.66 -3.79 -6.94
N HIS A 250 11.93 -4.95 -7.52
CA HIS A 250 10.90 -5.82 -8.04
C HIS A 250 11.24 -7.30 -7.83
N GLN A 251 10.25 -8.11 -7.48
CA GLN A 251 10.49 -9.53 -7.34
C GLN A 251 9.23 -10.37 -7.50
N GLY A 252 9.31 -11.34 -8.40
CA GLY A 252 8.19 -12.24 -8.66
C GLY A 252 8.56 -13.66 -8.26
N CYS A 253 7.59 -14.42 -7.76
CA CYS A 253 7.84 -15.81 -7.34
C CYS A 253 6.69 -16.70 -7.84
N TYR A 254 6.91 -18.02 -7.87
CA TYR A 254 5.89 -18.96 -8.34
C TYR A 254 5.98 -20.31 -7.61
N VAL A 255 4.92 -21.12 -7.62
CA VAL A 255 4.89 -22.48 -7.05
C VAL A 255 3.94 -23.38 -7.80
N ALA A 256 4.32 -24.65 -7.92
CA ALA A 256 3.44 -25.60 -8.57
C ALA A 256 2.44 -26.08 -7.52
N ILE A 257 1.14 -25.93 -7.82
CA ILE A 257 0.10 -26.35 -6.90
C ILE A 257 -0.99 -27.20 -7.57
N PHE A 258 -1.79 -27.88 -6.76
CA PHE A 258 -2.91 -28.63 -7.27
C PHE A 258 -3.95 -27.52 -7.31
N SER A 259 -4.64 -27.39 -8.44
CA SER A 259 -5.65 -26.35 -8.64
C SER A 259 -6.71 -26.47 -7.56
N ASN A 260 -6.52 -27.53 -6.81
CA ASN A 260 -7.33 -28.00 -5.71
C ASN A 260 -7.35 -27.08 -4.49
N GLN A 261 -6.15 -26.74 -4.03
CA GLN A 261 -5.93 -25.98 -2.81
C GLN A 261 -6.16 -24.48 -2.61
N ASN A 262 -6.22 -24.12 -1.33
CA ASN A 262 -6.38 -22.74 -0.88
C ASN A 262 -4.96 -22.21 -0.62
N TYR A 263 -4.57 -21.18 -1.35
CA TYR A 263 -3.26 -20.56 -1.16
C TYR A 263 -3.41 -19.05 -1.06
N THR A 264 -2.53 -18.43 -0.28
CA THR A 264 -2.50 -16.98 -0.14
C THR A 264 -1.02 -16.60 -0.23
N CYS A 265 -0.74 -15.36 -0.55
CA CYS A 265 0.64 -14.93 -0.61
C CYS A 265 0.91 -13.93 0.51
N ARG A 266 1.93 -14.20 1.31
CA ARG A 266 2.31 -13.34 2.43
C ARG A 266 3.56 -12.57 2.03
N VAL A 267 3.51 -11.24 2.13
CA VAL A 267 4.67 -10.43 1.79
C VAL A 267 5.06 -9.52 2.96
N THR A 268 6.26 -9.69 3.46
CA THR A 268 6.76 -8.89 4.58
C THR A 268 7.88 -8.00 4.08
N HIS A 269 7.68 -6.69 4.25
CA HIS A 269 8.66 -5.69 3.84
C HIS A 269 8.80 -4.76 5.04
N GLY A 270 9.94 -4.79 5.71
CA GLY A 270 10.11 -3.95 6.89
C GLY A 270 9.17 -4.42 7.99
N ASN A 271 8.53 -3.49 8.71
CA ASN A 271 7.57 -3.90 9.77
C ASN A 271 6.21 -3.84 9.13
N TRP A 272 6.01 -4.62 8.08
CA TRP A 272 4.75 -4.55 7.41
C TRP A 272 4.56 -5.85 6.67
N THR A 273 3.40 -6.46 6.84
CA THR A 273 3.10 -7.73 6.20
C THR A 273 1.74 -7.65 5.54
N VAL A 274 1.67 -7.98 4.25
CA VAL A 274 0.40 -7.99 3.56
C VAL A 274 0.09 -9.44 3.17
N GLU A 275 -1.19 -9.79 3.13
CA GLU A 275 -1.58 -11.13 2.77
C GLU A 275 -2.77 -11.08 1.82
N ILE A 276 -2.65 -11.72 0.66
CA ILE A 276 -3.71 -11.75 -0.33
C ILE A 276 -4.03 -13.18 -0.81
N PRO A 277 -5.31 -13.44 -1.11
CA PRO A 277 -5.74 -14.76 -1.58
C PRO A 277 -5.18 -14.96 -2.98
N ILE A 278 -4.69 -16.15 -3.27
CA ILE A 278 -4.11 -16.39 -4.59
C ILE A 278 -4.90 -17.47 -5.38
N SER A 279 -5.48 -18.44 -4.68
CA SER A 279 -6.34 -19.47 -5.29
C SER A 279 -7.35 -19.87 -4.22
N VAL A 280 -8.64 -19.90 -4.59
CA VAL A 280 -9.70 -20.23 -3.63
C VAL A 280 -10.62 -21.43 -3.88
N THR A 281 -10.73 -22.26 -2.84
CA THR A 281 -11.59 -23.46 -2.71
C THR A 281 -10.94 -24.81 -2.41
N ILE B 1 38.58 -14.92 -16.79
CA ILE B 1 37.47 -15.69 -17.41
C ILE B 1 36.39 -14.76 -17.98
N GLN B 2 35.79 -15.15 -19.10
CA GLN B 2 34.71 -14.37 -19.69
C GLN B 2 33.50 -14.80 -18.86
N ARG B 3 32.46 -13.98 -18.82
CA ARG B 3 31.26 -14.35 -18.07
C ARG B 3 30.05 -14.04 -18.94
N THR B 4 29.12 -14.99 -19.01
CA THR B 4 27.93 -14.85 -19.85
C THR B 4 26.79 -14.16 -19.06
N PRO B 5 26.05 -13.24 -19.71
CA PRO B 5 24.97 -12.52 -19.05
C PRO B 5 23.72 -13.26 -18.63
N LYS B 6 23.13 -12.77 -17.54
CA LYS B 6 21.86 -13.28 -17.07
C LYS B 6 20.91 -12.22 -17.59
N ILE B 7 19.70 -12.62 -17.91
CA ILE B 7 18.73 -11.73 -18.51
C ILE B 7 17.37 -11.82 -17.83
N GLN B 8 16.80 -10.71 -17.40
CA GLN B 8 15.48 -10.71 -16.77
C GLN B 8 14.66 -9.59 -17.41
N VAL B 9 13.42 -9.90 -17.75
CA VAL B 9 12.52 -8.93 -18.39
C VAL B 9 11.31 -8.70 -17.49
N TYR B 10 11.03 -7.44 -17.17
CA TYR B 10 9.90 -7.12 -16.27
C TYR B 10 9.42 -5.69 -16.38
N SER B 11 8.19 -5.47 -15.91
CA SER B 11 7.59 -4.15 -15.95
C SER B 11 7.62 -3.52 -14.57
N ARG B 12 7.61 -2.19 -14.54
CA ARG B 12 7.63 -1.45 -13.29
C ARG B 12 6.37 -1.65 -12.45
N HIS B 13 5.23 -1.68 -13.14
CA HIS B 13 3.93 -1.86 -12.51
C HIS B 13 3.22 -3.06 -13.09
N PRO B 14 2.16 -3.54 -12.41
CA PRO B 14 1.44 -4.69 -12.94
C PRO B 14 0.96 -4.28 -14.33
N ALA B 15 0.92 -5.23 -15.26
CA ALA B 15 0.49 -4.93 -16.62
C ALA B 15 -1.02 -4.79 -16.74
N GLU B 16 -1.46 -3.73 -17.42
CA GLU B 16 -2.88 -3.53 -17.68
C GLU B 16 -2.98 -2.99 -19.09
N ASN B 17 -3.66 -3.73 -19.97
CA ASN B 17 -3.78 -3.29 -21.35
C ASN B 17 -4.31 -1.86 -21.44
N GLY B 18 -3.67 -1.06 -22.29
CA GLY B 18 -4.07 0.32 -22.46
C GLY B 18 -3.47 1.29 -21.46
N LYS B 19 -2.85 0.76 -20.41
CA LYS B 19 -2.25 1.61 -19.39
C LYS B 19 -0.73 1.69 -19.55
N SER B 20 -0.22 2.92 -19.64
CA SER B 20 1.20 3.20 -19.79
C SER B 20 1.97 2.50 -18.68
N ASN B 21 3.21 2.11 -18.94
CA ASN B 21 3.98 1.36 -17.95
C ASN B 21 5.47 1.46 -18.35
N PHE B 22 6.32 0.66 -17.72
CA PHE B 22 7.74 0.65 -18.05
C PHE B 22 8.26 -0.76 -18.20
N LEU B 23 8.89 -1.04 -19.33
CA LEU B 23 9.46 -2.36 -19.57
C LEU B 23 10.95 -2.31 -19.32
N ASN B 24 11.45 -3.30 -18.61
CA ASN B 24 12.87 -3.36 -18.25
C ASN B 24 13.55 -4.64 -18.68
N CYS B 25 14.81 -4.52 -19.04
CA CYS B 25 15.57 -5.70 -19.36
C CYS B 25 16.84 -5.51 -18.57
N TYR B 26 17.04 -6.34 -17.56
CA TYR B 26 18.24 -6.23 -16.74
C TYR B 26 19.21 -7.36 -17.08
N VAL B 27 20.40 -6.97 -17.54
CA VAL B 27 21.45 -7.93 -17.90
C VAL B 27 22.55 -7.78 -16.86
N SER B 28 22.94 -8.89 -16.25
CA SER B 28 23.96 -8.87 -15.22
C SER B 28 24.97 -10.02 -15.32
N GLY B 29 25.98 -9.96 -14.45
CA GLY B 29 26.99 -11.01 -14.39
C GLY B 29 27.85 -11.22 -15.63
N PHE B 30 27.95 -10.22 -16.51
CA PHE B 30 28.74 -10.42 -17.71
C PHE B 30 30.11 -9.77 -17.71
N HIS B 31 30.97 -10.29 -18.60
CA HIS B 31 32.34 -9.81 -18.83
C HIS B 31 32.79 -10.48 -20.12
N PRO B 32 33.31 -9.70 -21.08
CA PRO B 32 33.51 -8.25 -21.05
C PRO B 32 32.24 -7.40 -20.95
N SER B 33 32.42 -6.11 -20.64
CA SER B 33 31.30 -5.20 -20.51
C SER B 33 30.59 -4.97 -21.82
N ASP B 34 31.30 -5.15 -22.93
CA ASP B 34 30.72 -4.94 -24.26
C ASP B 34 29.52 -5.88 -24.42
N ILE B 35 28.39 -5.30 -24.80
CA ILE B 35 27.17 -6.07 -24.93
C ILE B 35 26.17 -5.27 -25.76
N GLU B 36 25.30 -5.96 -26.50
CA GLU B 36 24.25 -5.28 -27.28
C GLU B 36 22.97 -5.80 -26.67
N VAL B 37 22.03 -4.90 -26.44
CA VAL B 37 20.75 -5.28 -25.85
C VAL B 37 19.65 -4.50 -26.55
N ASP B 38 18.56 -5.18 -26.90
CA ASP B 38 17.42 -4.54 -27.55
C ASP B 38 16.13 -5.05 -26.93
N LEU B 39 15.15 -4.15 -26.77
CA LEU B 39 13.84 -4.58 -26.28
C LEU B 39 13.01 -4.70 -27.55
N LEU B 40 12.28 -5.80 -27.70
CA LEU B 40 11.50 -6.01 -28.90
C LEU B 40 9.98 -5.98 -28.67
N LYS B 41 9.27 -5.41 -29.63
CA LYS B 41 7.80 -5.37 -29.60
C LYS B 41 7.41 -6.24 -30.79
N ASN B 42 6.73 -7.35 -30.51
CA ASN B 42 6.30 -8.26 -31.55
C ASN B 42 7.42 -8.59 -32.51
N GLY B 43 8.63 -8.74 -31.99
CA GLY B 43 9.76 -9.09 -32.84
C GLY B 43 10.59 -7.95 -33.39
N GLU B 44 10.11 -6.72 -33.27
CA GLU B 44 10.87 -5.60 -33.78
C GLU B 44 11.45 -4.71 -32.70
N ARG B 45 12.66 -4.26 -32.98
CA ARG B 45 13.42 -3.38 -32.12
C ARG B 45 12.70 -2.08 -31.75
N ILE B 46 12.58 -1.82 -30.46
CA ILE B 46 11.97 -0.58 -29.99
C ILE B 46 13.11 0.42 -30.03
N GLU B 47 12.82 1.56 -30.62
CA GLU B 47 13.80 2.60 -30.85
C GLU B 47 14.13 3.53 -29.67
N LYS B 48 13.11 3.89 -28.89
CA LYS B 48 13.25 4.80 -27.75
C LYS B 48 14.07 4.31 -26.53
N VAL B 49 14.48 3.04 -26.56
CA VAL B 49 15.20 2.42 -25.46
C VAL B 49 16.47 3.09 -24.92
N GLU B 50 16.53 3.24 -23.60
CA GLU B 50 17.66 3.82 -22.90
C GLU B 50 18.25 2.77 -21.96
N HIS B 51 19.39 3.09 -21.35
CA HIS B 51 20.01 2.18 -20.41
C HIS B 51 20.74 2.97 -19.34
N SER B 52 20.91 2.35 -18.18
CA SER B 52 21.60 2.97 -17.05
C SER B 52 23.10 3.11 -17.29
N ASP B 53 23.81 3.65 -16.30
CA ASP B 53 25.24 3.85 -16.36
C ASP B 53 25.95 2.55 -15.96
N LEU B 54 27.01 2.19 -16.67
CA LEU B 54 27.73 0.94 -16.39
C LEU B 54 28.21 0.80 -14.95
N SER B 55 27.98 -0.40 -14.41
CA SER B 55 28.32 -0.69 -13.03
C SER B 55 28.68 -2.17 -12.92
N PHE B 56 29.26 -2.58 -11.79
CA PHE B 56 29.66 -3.97 -11.58
C PHE B 56 29.37 -4.48 -10.18
N SER B 57 29.32 -5.80 -10.04
CA SER B 57 29.04 -6.44 -8.77
C SER B 57 30.31 -6.77 -7.99
N LYS B 58 30.11 -7.51 -6.90
CA LYS B 58 31.18 -7.93 -6.00
C LYS B 58 32.28 -8.71 -6.74
N ASP B 59 31.91 -9.51 -7.74
CA ASP B 59 32.90 -10.27 -8.52
C ASP B 59 33.40 -9.52 -9.77
N TRP B 60 33.20 -8.21 -9.79
CA TRP B 60 33.60 -7.32 -10.89
C TRP B 60 32.78 -7.48 -12.17
N SER B 61 31.86 -8.44 -12.19
CA SER B 61 31.05 -8.65 -13.39
C SER B 61 30.10 -7.47 -13.56
N PHE B 62 29.80 -7.11 -14.81
CA PHE B 62 28.95 -5.97 -15.11
C PHE B 62 27.46 -6.17 -15.14
N TYR B 63 26.74 -5.05 -15.02
CA TYR B 63 25.28 -5.09 -15.14
C TYR B 63 24.74 -3.77 -15.70
N LEU B 64 23.62 -3.89 -16.41
CA LEU B 64 22.97 -2.75 -17.03
C LEU B 64 21.45 -2.94 -17.06
N LEU B 65 20.71 -1.83 -17.02
CA LEU B 65 19.27 -1.85 -17.10
C LEU B 65 18.84 -1.09 -18.35
N TYR B 66 18.16 -1.79 -19.26
CA TYR B 66 17.65 -1.14 -20.47
C TYR B 66 16.16 -0.97 -20.25
N TYR B 67 15.62 0.15 -20.68
CA TYR B 67 14.22 0.39 -20.43
C TYR B 67 13.55 1.27 -21.46
N THR B 68 12.23 1.33 -21.37
CA THR B 68 11.45 2.14 -22.28
C THR B 68 10.03 2.19 -21.73
N GLU B 69 9.39 3.34 -21.88
CA GLU B 69 8.01 3.50 -21.45
C GLU B 69 7.21 2.79 -22.55
N PHE B 70 6.15 2.08 -22.19
CA PHE B 70 5.35 1.37 -23.17
C PHE B 70 3.91 1.22 -22.71
N THR B 71 3.03 0.81 -23.61
CA THR B 71 1.62 0.61 -23.28
C THR B 71 1.31 -0.79 -23.80
N PRO B 72 1.17 -1.78 -22.90
CA PRO B 72 0.87 -3.08 -23.47
C PRO B 72 -0.58 -3.18 -23.93
N THR B 73 -0.81 -4.00 -24.96
CA THR B 73 -2.17 -4.23 -25.43
C THR B 73 -2.24 -5.71 -25.67
N GLU B 74 -3.46 -6.22 -25.61
CA GLU B 74 -3.69 -7.62 -25.80
C GLU B 74 -2.96 -8.17 -27.05
N LYS B 75 -2.92 -7.40 -28.13
CA LYS B 75 -2.29 -7.87 -29.36
C LYS B 75 -0.76 -8.04 -29.34
N ASP B 76 -0.10 -7.31 -28.44
CA ASP B 76 1.36 -7.32 -28.38
C ASP B 76 2.13 -8.27 -27.49
N GLU B 77 3.35 -8.58 -27.92
CA GLU B 77 4.26 -9.46 -27.22
C GLU B 77 5.57 -8.69 -27.13
N TYR B 78 6.26 -8.79 -26.00
CA TYR B 78 7.52 -8.09 -25.82
C TYR B 78 8.64 -9.05 -25.40
N ALA B 79 9.87 -8.68 -25.73
CA ALA B 79 11.00 -9.52 -25.38
C ALA B 79 12.27 -8.72 -25.32
N CYS B 80 13.32 -9.34 -24.81
CA CYS B 80 14.62 -8.70 -24.72
C CYS B 80 15.60 -9.56 -25.51
N ARG B 81 16.32 -8.92 -26.42
CA ARG B 81 17.29 -9.64 -27.24
C ARG B 81 18.68 -9.20 -26.78
N VAL B 82 19.55 -10.16 -26.50
CA VAL B 82 20.86 -9.83 -26.01
C VAL B 82 21.96 -10.53 -26.79
N ASN B 83 23.05 -9.82 -27.06
CA ASN B 83 24.17 -10.44 -27.74
C ASN B 83 25.44 -10.11 -26.99
N HIS B 84 26.30 -11.11 -26.86
CA HIS B 84 27.52 -10.96 -26.11
C HIS B 84 28.51 -11.93 -26.72
N VAL B 85 29.80 -11.70 -26.52
CA VAL B 85 30.83 -12.57 -27.09
C VAL B 85 30.77 -14.01 -26.54
N THR B 86 30.17 -14.20 -25.37
CA THR B 86 30.06 -15.55 -24.81
C THR B 86 28.93 -16.33 -25.46
N LEU B 87 28.12 -15.65 -26.26
CA LEU B 87 26.96 -16.27 -26.90
C LEU B 87 27.18 -16.73 -28.33
N SER B 88 26.65 -17.90 -28.65
CA SER B 88 26.75 -18.45 -30.00
C SER B 88 26.00 -17.50 -30.93
N GLN B 89 24.85 -17.03 -30.47
CA GLN B 89 24.04 -16.10 -31.22
C GLN B 89 23.15 -15.32 -30.25
N PRO B 90 22.50 -14.24 -30.72
CA PRO B 90 21.66 -13.50 -29.77
C PRO B 90 20.65 -14.37 -29.05
N LYS B 91 20.37 -14.02 -27.79
CA LYS B 91 19.38 -14.70 -26.96
C LYS B 91 18.13 -13.84 -26.91
N ILE B 92 16.97 -14.47 -26.91
CA ILE B 92 15.73 -13.74 -26.83
C ILE B 92 14.96 -14.24 -25.61
N VAL B 93 14.58 -13.31 -24.75
CA VAL B 93 13.84 -13.62 -23.55
C VAL B 93 12.56 -12.80 -23.57
N LYS B 94 11.45 -13.51 -23.65
CA LYS B 94 10.12 -12.92 -23.69
C LYS B 94 9.65 -12.46 -22.33
N TRP B 95 8.83 -11.43 -22.33
CA TRP B 95 8.29 -10.88 -21.10
C TRP B 95 7.14 -11.72 -20.55
N ASP B 96 7.30 -12.19 -19.31
CA ASP B 96 6.26 -12.96 -18.63
C ASP B 96 5.52 -11.86 -17.85
N ARG B 97 4.32 -11.54 -18.30
CA ARG B 97 3.53 -10.48 -17.69
C ARG B 97 3.22 -10.57 -16.20
N ASP B 98 3.23 -11.76 -15.64
CA ASP B 98 2.91 -11.92 -14.22
C ASP B 98 4.11 -11.92 -13.28
N MET B 99 5.32 -12.03 -13.81
CA MET B 99 6.51 -12.06 -12.97
C MET B 99 7.11 -10.70 -12.66
N PRO C 4 0.06 -48.90 -13.36
CA PRO C 4 1.44 -49.12 -13.88
C PRO C 4 1.89 -47.86 -14.63
N LYS C 5 3.07 -47.34 -14.27
CA LYS C 5 3.57 -46.12 -14.88
C LYS C 5 3.77 -46.16 -16.40
N PRO C 6 3.41 -45.06 -17.08
CA PRO C 6 3.58 -45.00 -18.53
C PRO C 6 5.06 -44.81 -18.86
N THR C 7 5.39 -44.85 -20.14
CA THR C 7 6.77 -44.66 -20.57
C THR C 7 6.83 -43.29 -21.25
N LEU C 8 7.88 -42.54 -20.98
CA LEU C 8 8.05 -41.24 -21.58
C LEU C 8 9.40 -41.22 -22.26
N TRP C 9 9.43 -40.89 -23.54
CA TRP C 9 10.71 -40.83 -24.25
C TRP C 9 10.67 -39.66 -25.22
N ALA C 10 11.81 -39.36 -25.83
CA ALA C 10 11.90 -38.26 -26.78
C ALA C 10 12.40 -38.77 -28.14
N GLU C 11 11.95 -38.15 -29.21
CA GLU C 11 12.39 -38.50 -30.57
C GLU C 11 12.69 -37.17 -31.24
N PRO C 12 13.87 -37.04 -31.85
CA PRO C 12 14.90 -38.08 -31.94
C PRO C 12 15.71 -38.40 -30.67
N GLY C 13 15.67 -37.52 -29.68
CA GLY C 13 16.42 -37.77 -28.45
C GLY C 13 16.16 -36.71 -27.39
N SER C 14 16.83 -36.80 -26.24
CA SER C 14 16.64 -35.86 -25.15
C SER C 14 17.60 -34.65 -25.13
N VAL C 15 18.59 -34.69 -26.01
CA VAL C 15 19.56 -33.61 -26.12
C VAL C 15 19.43 -33.06 -27.53
N ILE C 16 18.74 -31.93 -27.65
CA ILE C 16 18.48 -31.34 -28.96
C ILE C 16 19.09 -29.97 -29.18
N THR C 17 19.65 -29.78 -30.37
CA THR C 17 20.26 -28.51 -30.71
C THR C 17 19.16 -27.46 -30.87
N GLN C 18 19.42 -26.28 -30.32
CA GLN C 18 18.47 -25.16 -30.36
C GLN C 18 17.87 -24.98 -31.76
N GLY C 19 16.56 -24.75 -31.81
CA GLY C 19 15.90 -24.54 -33.08
C GLY C 19 15.35 -25.80 -33.73
N SER C 20 15.95 -26.95 -33.41
CA SER C 20 15.51 -28.23 -33.97
C SER C 20 14.19 -28.72 -33.39
N PRO C 21 13.54 -29.65 -34.07
CA PRO C 21 12.27 -30.17 -33.55
C PRO C 21 12.54 -31.40 -32.67
N VAL C 22 11.59 -31.73 -31.81
CA VAL C 22 11.70 -32.91 -30.98
C VAL C 22 10.29 -33.16 -30.49
N THR C 23 9.94 -34.42 -30.28
CA THR C 23 8.61 -34.77 -29.81
C THR C 23 8.75 -35.57 -28.54
N LEU C 24 7.95 -35.26 -27.53
CA LEU C 24 7.98 -36.03 -26.30
C LEU C 24 6.85 -37.04 -26.47
N ARG C 25 7.12 -38.29 -26.12
CA ARG C 25 6.15 -39.37 -26.30
C ARG C 25 5.83 -40.13 -25.00
N CYS C 26 4.54 -40.41 -24.79
CA CYS C 26 4.10 -41.12 -23.60
C CYS C 26 3.25 -42.34 -24.02
N GLN C 27 3.45 -43.49 -23.37
CA GLN C 27 2.70 -44.71 -23.65
C GLN C 27 2.37 -45.47 -22.35
N GLY C 28 1.10 -45.82 -22.16
CA GLY C 28 0.72 -46.56 -20.95
C GLY C 28 -0.54 -47.39 -21.11
N GLY C 29 -0.42 -48.61 -21.61
CA GLY C 29 -1.61 -49.42 -21.81
C GLY C 29 -2.07 -49.13 -23.23
N GLN C 30 -2.24 -50.17 -24.05
CA GLN C 30 -2.62 -49.93 -25.43
C GLN C 30 -3.98 -49.25 -25.66
N GLU C 31 -4.78 -49.08 -24.60
CA GLU C 31 -6.11 -48.44 -24.74
C GLU C 31 -6.24 -46.98 -24.29
N THR C 32 -5.37 -46.51 -23.39
CA THR C 32 -5.45 -45.14 -22.88
C THR C 32 -5.23 -43.99 -23.89
N GLN C 33 -5.97 -42.90 -23.67
CA GLN C 33 -5.93 -41.69 -24.51
C GLN C 33 -5.87 -40.46 -23.59
N GLU C 34 -5.93 -40.75 -22.30
CA GLU C 34 -5.97 -39.80 -21.20
C GLU C 34 -4.57 -39.31 -20.77
N TYR C 35 -3.73 -38.97 -21.75
CA TYR C 35 -2.37 -38.55 -21.44
C TYR C 35 -2.16 -37.17 -20.85
N ARG C 36 -1.22 -37.08 -19.91
CA ARG C 36 -0.87 -35.81 -19.27
C ARG C 36 0.64 -35.68 -19.20
N LEU C 37 1.14 -34.51 -19.55
CA LEU C 37 2.56 -34.24 -19.51
C LEU C 37 2.75 -32.97 -18.68
N TYR C 38 3.85 -32.89 -17.95
CA TYR C 38 4.13 -31.69 -17.16
C TYR C 38 5.61 -31.58 -16.90
N ARG C 39 6.10 -30.34 -16.77
CA ARG C 39 7.50 -30.09 -16.46
C ARG C 39 7.55 -29.90 -14.97
N GLU C 40 8.51 -30.55 -14.32
CA GLU C 40 8.67 -30.46 -12.88
C GLU C 40 8.97 -29.04 -12.43
N LYS C 41 8.49 -28.69 -11.23
CA LYS C 41 8.72 -27.39 -10.60
C LYS C 41 8.16 -26.12 -11.29
N LYS C 42 8.58 -25.88 -12.53
CA LYS C 42 8.10 -24.74 -13.29
C LYS C 42 7.24 -25.25 -14.41
N THR C 43 6.02 -24.73 -14.55
CA THR C 43 5.14 -25.22 -15.61
C THR C 43 5.62 -24.80 -16.99
N ALA C 44 5.31 -25.64 -17.98
CA ALA C 44 5.69 -25.38 -19.37
C ALA C 44 4.38 -25.14 -20.12
N PRO C 45 4.10 -23.87 -20.48
CA PRO C 45 2.87 -23.49 -21.20
C PRO C 45 2.64 -24.19 -22.55
N TRP C 46 3.72 -24.47 -23.27
CA TRP C 46 3.57 -25.11 -24.58
C TRP C 46 2.76 -26.39 -24.50
N ILE C 47 2.94 -27.14 -23.43
CA ILE C 47 2.23 -28.40 -23.27
C ILE C 47 0.72 -28.25 -23.44
N THR C 48 0.10 -27.36 -22.68
CA THR C 48 -1.35 -27.20 -22.75
C THR C 48 -1.83 -26.60 -24.05
N ARG C 49 -0.89 -26.24 -24.92
CA ARG C 49 -1.24 -25.69 -26.22
C ARG C 49 -1.28 -26.81 -27.26
N ILE C 50 -0.80 -27.99 -26.90
CA ILE C 50 -0.81 -29.11 -27.86
C ILE C 50 -2.25 -29.56 -28.17
N PRO C 51 -2.61 -29.63 -29.47
CA PRO C 51 -3.95 -30.07 -29.85
C PRO C 51 -4.32 -31.39 -29.16
N GLN C 52 -5.56 -31.46 -28.69
CA GLN C 52 -6.11 -32.60 -27.98
C GLN C 52 -6.00 -33.92 -28.76
N GLU C 53 -6.07 -33.79 -30.08
CA GLU C 53 -5.97 -34.90 -31.02
C GLU C 53 -4.63 -35.61 -30.82
N LEU C 54 -3.59 -34.80 -30.65
CA LEU C 54 -2.23 -35.28 -30.44
C LEU C 54 -2.02 -35.84 -29.05
N VAL C 55 -2.60 -35.15 -28.06
CA VAL C 55 -2.47 -35.59 -26.69
C VAL C 55 -3.01 -37.01 -26.57
N LYS C 56 -4.14 -37.28 -27.23
CA LYS C 56 -4.77 -38.61 -27.20
C LYS C 56 -3.80 -39.71 -27.64
N LYS C 57 -2.89 -39.37 -28.54
CA LYS C 57 -1.88 -40.32 -29.05
C LYS C 57 -0.61 -40.26 -28.18
N GLY C 58 -0.66 -39.46 -27.12
CA GLY C 58 0.50 -39.31 -26.25
C GLY C 58 1.64 -38.62 -26.97
N GLN C 59 1.28 -37.80 -27.96
CA GLN C 59 2.26 -37.07 -28.77
C GLN C 59 2.29 -35.58 -28.44
N PHE C 60 3.47 -35.09 -28.05
CA PHE C 60 3.62 -33.68 -27.72
C PHE C 60 4.80 -33.08 -28.50
N PRO C 61 4.53 -32.67 -29.74
CA PRO C 61 5.56 -32.08 -30.61
C PRO C 61 5.99 -30.65 -30.28
N ILE C 62 7.28 -30.40 -30.45
CA ILE C 62 7.87 -29.07 -30.28
C ILE C 62 8.54 -28.92 -31.63
N PRO C 63 7.93 -28.13 -32.55
CA PRO C 63 8.51 -27.92 -33.88
C PRO C 63 9.88 -27.25 -33.93
N SER C 64 10.14 -26.40 -32.95
CA SER C 64 11.40 -25.66 -32.89
C SER C 64 11.68 -25.40 -31.43
N ILE C 65 12.65 -26.12 -30.88
CA ILE C 65 12.97 -26.01 -29.47
C ILE C 65 13.79 -24.79 -29.11
N THR C 66 13.49 -24.23 -27.94
CA THR C 66 14.16 -23.05 -27.41
C THR C 66 14.57 -23.35 -25.97
N TRP C 67 15.24 -22.39 -25.34
CA TRP C 67 15.72 -22.51 -23.97
C TRP C 67 14.58 -22.74 -22.99
N GLU C 68 13.45 -22.09 -23.28
CA GLU C 68 12.27 -22.19 -22.43
C GLU C 68 11.67 -23.60 -22.35
N HIS C 69 11.94 -24.44 -23.35
CA HIS C 69 11.42 -25.81 -23.37
C HIS C 69 12.21 -26.74 -22.44
N ALA C 70 13.50 -26.47 -22.28
CA ALA C 70 14.39 -27.28 -21.46
C ALA C 70 13.85 -27.57 -20.06
N GLY C 71 14.02 -28.81 -19.60
CA GLY C 71 13.55 -29.17 -18.26
C GLY C 71 13.40 -30.66 -17.97
N ARG C 72 12.99 -30.98 -16.75
CA ARG C 72 12.76 -32.36 -16.33
C ARG C 72 11.25 -32.64 -16.48
N TYR C 73 10.87 -33.54 -17.40
CA TYR C 73 9.45 -33.83 -17.62
C TYR C 73 8.98 -35.21 -17.15
N ARG C 74 7.68 -35.33 -16.93
CA ARG C 74 7.06 -36.58 -16.53
C ARG C 74 5.66 -36.63 -17.12
N CYS C 75 5.16 -37.83 -17.38
CA CYS C 75 3.81 -37.95 -17.92
C CYS C 75 3.05 -39.01 -17.17
N TYR C 76 1.73 -39.01 -17.35
CA TYR C 76 0.87 -40.00 -16.70
C TYR C 76 -0.42 -40.00 -17.49
N TYR C 77 -1.32 -40.91 -17.16
CA TYR C 77 -2.59 -40.95 -17.88
C TYR C 77 -3.73 -40.97 -16.89
N GLY C 78 -4.84 -40.32 -17.22
CA GLY C 78 -5.93 -40.35 -16.30
C GLY C 78 -6.85 -39.17 -16.15
N SER C 79 -7.74 -39.30 -15.17
CA SER C 79 -8.73 -38.29 -14.90
C SER C 79 -9.38 -38.46 -13.54
N ASP C 80 -10.41 -37.65 -13.34
CA ASP C 80 -11.21 -37.68 -12.14
C ASP C 80 -12.07 -38.93 -12.30
N THR C 81 -12.82 -38.87 -13.38
CA THR C 81 -13.77 -39.86 -13.82
C THR C 81 -13.27 -41.28 -13.57
N ALA C 82 -11.97 -41.49 -13.41
CA ALA C 82 -11.44 -42.81 -13.10
C ALA C 82 -9.96 -42.96 -13.50
N GLY C 83 -9.02 -43.01 -12.61
CA GLY C 83 -7.75 -43.29 -13.15
C GLY C 83 -6.89 -42.06 -13.39
N ARG C 84 -5.76 -42.19 -12.71
CA ARG C 84 -4.59 -41.33 -12.68
C ARG C 84 -3.46 -42.33 -12.27
N SER C 85 -2.50 -42.57 -13.18
CA SER C 85 -1.45 -43.56 -12.97
C SER C 85 -0.24 -42.99 -12.25
N GLU C 86 0.79 -43.81 -12.08
CA GLU C 86 2.01 -43.32 -11.46
C GLU C 86 2.65 -42.45 -12.54
N SER C 87 3.56 -41.57 -12.14
CA SER C 87 4.25 -40.72 -13.10
C SER C 87 5.36 -41.55 -13.71
N SER C 88 5.64 -41.33 -14.98
CA SER C 88 6.72 -42.09 -15.62
C SER C 88 8.05 -41.64 -15.05
N ASP C 89 9.09 -42.34 -15.43
CA ASP C 89 10.44 -42.00 -15.04
C ASP C 89 10.64 -40.62 -15.64
N PRO C 90 11.39 -39.74 -14.97
CA PRO C 90 11.62 -38.40 -15.50
C PRO C 90 12.51 -38.36 -16.75
N LEU C 91 12.22 -37.42 -17.64
CA LEU C 91 13.01 -37.25 -18.85
C LEU C 91 13.62 -35.86 -18.81
N GLU C 92 14.95 -35.80 -18.93
CA GLU C 92 15.64 -34.53 -18.91
C GLU C 92 15.80 -34.00 -20.33
N LEU C 93 15.01 -32.99 -20.67
CA LEU C 93 15.05 -32.40 -22.00
C LEU C 93 16.09 -31.27 -22.05
N VAL C 94 17.18 -31.52 -22.76
CA VAL C 94 18.28 -30.58 -22.86
C VAL C 94 18.36 -29.85 -24.19
N VAL C 95 18.63 -28.55 -24.15
CA VAL C 95 18.81 -27.75 -25.37
C VAL C 95 20.27 -27.33 -25.37
N THR C 96 20.93 -27.44 -26.51
CA THR C 96 22.35 -27.07 -26.61
C THR C 96 22.56 -25.99 -27.66
N GLY C 97 23.71 -25.31 -27.59
CA GLY C 97 24.01 -24.30 -28.58
C GLY C 97 24.04 -22.85 -28.11
N ALA C 98 23.63 -22.61 -26.86
CA ALA C 98 23.58 -21.27 -26.31
C ALA C 98 24.92 -20.58 -26.17
N TYR C 99 25.94 -21.31 -25.72
CA TYR C 99 27.24 -20.69 -25.48
C TYR C 99 28.36 -21.21 -26.37
N ILE C 100 29.35 -20.37 -26.62
CA ILE C 100 30.49 -20.77 -27.44
C ILE C 100 31.08 -22.04 -26.83
N LYS C 101 31.53 -22.92 -27.70
CA LYS C 101 32.06 -24.24 -27.33
C LYS C 101 33.29 -24.36 -26.41
N PRO C 102 33.30 -25.37 -25.53
CA PRO C 102 34.44 -25.59 -24.63
C PRO C 102 35.45 -26.42 -25.43
N THR C 103 36.60 -26.74 -24.84
CA THR C 103 37.60 -27.55 -25.54
C THR C 103 37.88 -28.83 -24.74
N LEU C 104 37.94 -29.96 -25.43
CA LEU C 104 38.19 -31.23 -24.77
C LEU C 104 39.60 -31.71 -25.09
N SER C 105 40.32 -32.18 -24.07
CA SER C 105 41.68 -32.67 -24.28
C SER C 105 41.91 -33.97 -23.50
N ALA C 106 42.85 -34.78 -23.97
CA ALA C 106 43.20 -36.04 -23.31
C ALA C 106 44.35 -35.70 -22.38
N GLN C 107 44.14 -35.84 -21.08
CA GLN C 107 45.16 -35.43 -20.13
C GLN C 107 46.60 -35.85 -20.41
N PRO C 108 47.00 -37.10 -20.11
CA PRO C 108 48.41 -37.16 -20.51
C PRO C 108 48.57 -37.03 -22.03
N SER C 109 47.79 -37.81 -22.78
CA SER C 109 47.87 -37.80 -24.22
C SER C 109 46.63 -38.45 -24.86
N PRO C 110 46.34 -38.11 -26.12
CA PRO C 110 45.19 -38.69 -26.84
C PRO C 110 45.50 -40.12 -27.29
N VAL C 111 46.77 -40.49 -27.23
CA VAL C 111 47.19 -41.84 -27.60
C VAL C 111 47.34 -42.64 -26.29
N VAL C 112 46.62 -43.76 -26.22
CA VAL C 112 46.57 -44.60 -25.03
C VAL C 112 46.88 -46.08 -25.30
N ASN C 113 47.45 -46.78 -24.32
CA ASN C 113 47.73 -48.21 -24.48
C ASN C 113 46.42 -48.94 -24.22
N SER C 114 46.38 -50.25 -24.50
CA SER C 114 45.16 -51.00 -24.25
C SER C 114 45.06 -51.24 -22.76
N GLY C 115 43.84 -51.34 -22.25
CA GLY C 115 43.63 -51.57 -20.83
C GLY C 115 43.95 -50.31 -20.05
N GLY C 116 44.49 -49.32 -20.74
CA GLY C 116 44.84 -48.07 -20.08
C GLY C 116 43.60 -47.23 -19.81
N ASN C 117 43.63 -46.47 -18.72
CA ASN C 117 42.53 -45.58 -18.36
C ASN C 117 43.07 -44.23 -18.80
N VAL C 118 42.19 -43.26 -19.04
CA VAL C 118 42.66 -41.95 -19.46
C VAL C 118 41.84 -40.79 -18.90
N THR C 119 42.52 -39.70 -18.60
CA THR C 119 41.89 -38.52 -18.03
C THR C 119 41.56 -37.52 -19.14
N LEU C 120 40.27 -37.19 -19.25
CA LEU C 120 39.79 -36.23 -20.24
C LEU C 120 39.39 -34.97 -19.52
N GLN C 121 39.86 -33.85 -20.05
CA GLN C 121 39.60 -32.56 -19.44
C GLN C 121 38.80 -31.64 -20.36
N CYS C 122 37.73 -31.06 -19.81
CA CYS C 122 36.89 -30.13 -20.55
C CYS C 122 37.17 -28.73 -20.00
N ASP C 123 37.64 -27.84 -20.87
CA ASP C 123 38.00 -26.46 -20.50
C ASP C 123 37.11 -25.42 -21.18
N SER C 124 36.68 -24.42 -20.40
CA SER C 124 35.83 -23.36 -20.92
C SER C 124 36.40 -21.96 -20.64
N GLN C 125 36.47 -21.13 -21.69
CA GLN C 125 36.96 -19.76 -21.56
C GLN C 125 35.87 -18.88 -20.92
N VAL C 126 34.68 -19.46 -20.78
CA VAL C 126 33.55 -18.78 -20.17
C VAL C 126 33.27 -19.48 -18.83
N ALA C 127 33.18 -18.70 -17.76
CA ALA C 127 32.96 -19.29 -16.44
C ALA C 127 31.71 -20.15 -16.28
N PHE C 128 31.92 -21.46 -16.15
CA PHE C 128 30.84 -22.41 -15.95
C PHE C 128 31.21 -23.38 -14.85
N ASP C 129 30.21 -23.84 -14.10
CA ASP C 129 30.47 -24.77 -13.01
C ASP C 129 30.02 -26.19 -13.34
N GLY C 130 29.41 -26.35 -14.50
CA GLY C 130 28.96 -27.66 -14.90
C GLY C 130 29.55 -28.09 -16.22
N PHE C 131 29.92 -29.36 -16.31
CA PHE C 131 30.49 -29.92 -17.54
C PHE C 131 29.94 -31.31 -17.80
N ILE C 132 29.69 -31.61 -19.07
CA ILE C 132 29.14 -32.90 -19.47
C ILE C 132 30.08 -33.59 -20.45
N LEU C 133 30.37 -34.86 -20.21
CA LEU C 133 31.21 -35.59 -21.15
C LEU C 133 30.30 -36.54 -21.90
N CYS C 134 30.22 -36.36 -23.21
CA CYS C 134 29.37 -37.22 -24.02
C CYS C 134 30.16 -38.09 -24.97
N LYS C 135 29.77 -39.35 -24.97
CA LYS C 135 30.39 -40.36 -25.79
C LYS C 135 29.65 -40.57 -27.10
N GLU C 136 30.39 -40.55 -28.20
CA GLU C 136 29.82 -40.75 -29.52
C GLU C 136 30.47 -41.98 -30.15
N GLN C 143 24.14 -41.00 -23.64
CA GLN C 143 25.46 -41.56 -23.36
C GLN C 143 26.41 -40.55 -22.69
N CYS C 144 25.84 -39.62 -21.94
CA CYS C 144 26.62 -38.57 -21.31
C CYS C 144 26.82 -38.64 -19.79
N LEU C 145 27.94 -38.09 -19.33
CA LEU C 145 28.28 -38.03 -17.92
C LEU C 145 28.44 -36.61 -17.43
N ASN C 146 28.01 -36.42 -16.19
CA ASN C 146 28.06 -35.14 -15.53
C ASN C 146 29.40 -35.02 -14.77
N SER C 147 29.98 -33.82 -14.82
CA SER C 147 31.27 -33.45 -14.20
C SER C 147 31.83 -34.26 -13.03
N SER C 155 37.78 -22.95 -14.53
CA SER C 155 36.60 -23.67 -14.93
C SER C 155 36.91 -24.67 -16.04
N ARG C 156 37.07 -25.90 -15.59
CA ARG C 156 37.34 -27.05 -16.42
C ARG C 156 37.01 -28.19 -15.48
N ALA C 157 36.74 -29.37 -16.03
CA ALA C 157 36.43 -30.50 -15.19
C ALA C 157 37.16 -31.69 -15.74
N ILE C 158 37.32 -32.68 -14.87
CA ILE C 158 38.06 -33.88 -15.19
C ILE C 158 37.16 -35.12 -15.28
N PHE C 159 37.47 -36.00 -16.22
CA PHE C 159 36.71 -37.25 -16.42
C PHE C 159 37.72 -38.37 -16.67
N SER C 160 37.45 -39.57 -16.15
CA SER C 160 38.36 -40.68 -16.42
C SER C 160 37.65 -41.69 -17.30
N VAL C 161 38.36 -42.07 -18.35
CA VAL C 161 37.89 -43.00 -19.37
C VAL C 161 38.74 -44.27 -19.38
N GLY C 162 38.10 -45.43 -19.49
CA GLY C 162 38.84 -46.69 -19.52
C GLY C 162 38.19 -47.83 -18.75
N PRO C 163 38.71 -49.07 -18.88
CA PRO C 163 39.87 -49.38 -19.72
C PRO C 163 39.50 -49.34 -21.19
N VAL C 164 40.46 -48.89 -21.99
CA VAL C 164 40.32 -48.70 -23.42
C VAL C 164 40.80 -49.91 -24.22
N SER C 165 40.35 -50.04 -25.47
CA SER C 165 40.73 -51.16 -26.34
C SER C 165 40.44 -50.85 -27.81
N PRO C 166 41.18 -51.48 -28.74
CA PRO C 166 40.98 -51.24 -30.18
C PRO C 166 39.68 -51.84 -30.72
N SER C 167 39.22 -51.26 -31.83
CA SER C 167 37.97 -51.62 -32.51
C SER C 167 36.76 -51.05 -31.77
N ARG C 168 36.99 -50.51 -30.57
CA ARG C 168 35.91 -49.85 -29.86
C ARG C 168 36.25 -48.39 -30.10
N ARG C 169 35.33 -47.65 -30.71
CA ARG C 169 35.55 -46.23 -30.93
C ARG C 169 35.55 -45.60 -29.56
N TRP C 170 36.44 -44.65 -29.32
CA TRP C 170 36.44 -43.93 -28.06
C TRP C 170 36.45 -42.48 -28.48
N TRP C 171 35.26 -42.03 -28.89
CA TRP C 171 34.97 -40.68 -29.37
C TRP C 171 34.17 -39.89 -28.35
N TYR C 172 34.61 -38.67 -28.05
CA TYR C 172 33.92 -37.86 -27.07
C TYR C 172 33.79 -36.39 -27.43
N ARG C 173 32.81 -35.74 -26.82
CA ARG C 173 32.56 -34.31 -26.96
C ARG C 173 32.16 -33.88 -25.55
N CYS C 174 32.35 -32.63 -25.22
CA CYS C 174 31.95 -32.15 -23.91
C CYS C 174 31.19 -30.84 -24.02
N TYR C 175 30.41 -30.56 -22.99
CA TYR C 175 29.62 -29.34 -22.93
C TYR C 175 29.81 -28.66 -21.60
N ALA C 176 29.58 -27.36 -21.58
CA ALA C 176 29.65 -26.58 -20.36
C ALA C 176 28.26 -25.98 -20.13
N TYR C 177 27.88 -25.82 -18.87
CA TYR C 177 26.59 -25.23 -18.53
C TYR C 177 26.69 -24.59 -17.14
N ASP C 178 25.61 -23.90 -16.77
CA ASP C 178 25.48 -23.22 -15.49
C ASP C 178 24.54 -24.09 -14.67
N SER C 179 24.97 -24.51 -13.48
CA SER C 179 24.14 -25.39 -12.65
C SER C 179 22.79 -24.83 -12.25
N ASN C 180 22.57 -23.53 -12.43
CA ASN C 180 21.28 -22.92 -12.10
C ASN C 180 20.28 -23.10 -13.25
N SER C 181 20.79 -23.36 -14.45
CA SER C 181 19.96 -23.60 -15.64
C SER C 181 20.68 -24.76 -16.33
N PRO C 182 20.69 -25.92 -15.66
CA PRO C 182 21.31 -27.20 -16.05
C PRO C 182 20.88 -27.93 -17.31
N TYR C 183 19.78 -27.53 -17.93
CA TYR C 183 19.34 -28.20 -19.13
C TYR C 183 19.65 -27.32 -20.32
N GLU C 184 20.50 -26.33 -20.07
CA GLU C 184 20.88 -25.39 -21.10
C GLU C 184 22.40 -25.44 -21.31
N TRP C 185 22.83 -26.20 -22.32
CA TRP C 185 24.24 -26.39 -22.61
C TRP C 185 24.78 -25.54 -23.77
N SER C 186 26.10 -25.35 -23.77
CA SER C 186 26.81 -24.58 -24.79
C SER C 186 26.83 -25.40 -26.08
N LEU C 187 27.54 -24.88 -27.09
CA LEU C 187 27.72 -25.62 -28.32
C LEU C 187 28.65 -26.73 -27.85
N PRO C 188 28.65 -27.89 -28.51
CA PRO C 188 29.53 -29.00 -28.11
C PRO C 188 31.01 -28.76 -28.44
N SER C 189 31.90 -29.32 -27.62
CA SER C 189 33.34 -29.21 -27.87
C SER C 189 33.58 -29.99 -29.15
N ASP C 190 34.76 -29.86 -29.75
CA ASP C 190 35.05 -30.61 -30.97
C ASP C 190 35.17 -32.07 -30.61
N LEU C 191 34.81 -32.94 -31.54
CA LEU C 191 34.90 -34.37 -31.30
C LEU C 191 36.37 -34.74 -31.03
N LEU C 192 36.58 -35.49 -29.96
CA LEU C 192 37.91 -35.94 -29.61
C LEU C 192 37.93 -37.44 -29.82
N GLU C 193 38.91 -37.92 -30.58
CA GLU C 193 39.04 -39.33 -30.82
C GLU C 193 40.36 -39.77 -30.22
N LEU C 194 40.32 -40.82 -29.42
CA LEU C 194 41.51 -41.36 -28.79
C LEU C 194 42.12 -42.39 -29.76
N LEU C 195 43.42 -42.61 -29.67
CA LEU C 195 44.08 -43.62 -30.50
C LEU C 195 44.62 -44.64 -29.52
N VAL C 196 44.15 -45.87 -29.67
CA VAL C 196 44.56 -46.95 -28.78
C VAL C 196 45.78 -47.62 -29.39
N LEU C 197 46.83 -47.71 -28.59
CA LEU C 197 48.05 -48.30 -29.11
C LEU C 197 47.91 -49.77 -29.48
N GLY C 198 48.21 -49.94 -30.75
CA GLY C 198 48.19 -51.18 -31.48
C GLY C 198 48.65 -50.59 -32.81
N VAL D 2 -24.55 0.96 -6.49
CA VAL D 2 -25.63 1.93 -6.16
C VAL D 2 -25.42 3.34 -6.76
N LEU D 3 -26.42 3.81 -7.50
CA LEU D 3 -26.42 5.15 -8.12
C LEU D 3 -27.53 5.95 -7.41
N ARG D 4 -27.14 6.97 -6.66
CA ARG D 4 -28.13 7.75 -5.91
C ARG D 4 -28.04 9.24 -6.18
N TYR D 5 -29.19 9.91 -6.24
CA TYR D 5 -29.22 11.36 -6.42
C TYR D 5 -29.93 12.00 -5.23
N GLY D 6 -29.34 13.07 -4.70
CA GLY D 6 -29.95 13.74 -3.56
C GLY D 6 -30.32 15.15 -3.95
N TYR D 7 -31.57 15.54 -3.69
CA TYR D 7 -32.04 16.88 -4.01
C TYR D 7 -32.40 17.67 -2.77
N THR D 8 -31.88 18.88 -2.65
CA THR D 8 -32.21 19.73 -1.52
C THR D 8 -32.76 21.07 -1.99
N GLY D 9 -34.07 21.24 -1.81
CA GLY D 9 -34.73 22.47 -2.21
C GLY D 9 -35.05 23.27 -0.95
N ILE D 10 -34.33 24.38 -0.76
CA ILE D 10 -34.54 25.21 0.40
C ILE D 10 -35.43 26.40 0.03
N PHE D 11 -36.40 26.68 0.89
CA PHE D 11 -37.29 27.82 0.70
C PHE D 11 -36.95 28.86 1.75
N ASP D 12 -36.57 30.06 1.32
CA ASP D 12 -36.28 31.15 2.26
C ASP D 12 -37.32 32.30 2.13
N ASP D 13 -37.58 32.73 0.90
CA ASP D 13 -38.53 33.81 0.56
C ASP D 13 -39.29 33.33 -0.66
N THR D 14 -40.37 34.01 -1.00
CA THR D 14 -41.11 33.66 -2.21
C THR D 14 -40.17 33.93 -3.39
N SER D 15 -39.16 34.77 -3.17
CA SER D 15 -38.21 35.06 -4.24
C SER D 15 -36.83 34.42 -4.04
N HIS D 16 -36.59 33.81 -2.89
CA HIS D 16 -35.30 33.14 -2.63
C HIS D 16 -35.47 31.68 -2.28
N MET D 17 -35.05 30.82 -3.20
CA MET D 17 -35.10 29.38 -3.06
C MET D 17 -33.82 28.83 -3.69
N THR D 18 -33.37 27.68 -3.21
CA THR D 18 -32.14 27.08 -3.73
C THR D 18 -32.33 25.59 -3.96
N LEU D 19 -31.60 25.06 -4.93
CA LEU D 19 -31.64 23.63 -5.19
C LEU D 19 -30.22 23.15 -5.45
N THR D 20 -29.88 22.05 -4.78
CA THR D 20 -28.58 21.41 -4.93
C THR D 20 -28.93 19.94 -5.05
N VAL D 21 -28.56 19.33 -6.17
CA VAL D 21 -28.80 17.92 -6.31
C VAL D 21 -27.43 17.30 -6.52
N VAL D 22 -27.17 16.19 -5.84
CA VAL D 22 -25.87 15.55 -5.97
C VAL D 22 -25.99 14.13 -6.44
N GLY D 23 -25.07 13.74 -7.33
CA GLY D 23 -25.05 12.37 -7.83
C GLY D 23 -23.98 11.66 -7.07
N ILE D 24 -24.28 10.46 -6.59
CA ILE D 24 -23.32 9.70 -5.82
C ILE D 24 -23.35 8.26 -6.33
N PHE D 25 -22.18 7.76 -6.75
CA PHE D 25 -22.09 6.38 -7.28
C PHE D 25 -21.10 5.58 -6.42
N ASP D 26 -21.60 4.49 -5.86
CA ASP D 26 -20.81 3.63 -4.97
C ASP D 26 -20.17 4.45 -3.85
N GLY D 27 -20.90 5.43 -3.35
CA GLY D 27 -20.40 6.27 -2.27
C GLY D 27 -19.56 7.44 -2.73
N GLN D 28 -19.30 7.53 -4.02
CA GLN D 28 -18.51 8.64 -4.53
C GLN D 28 -19.41 9.71 -5.16
N HIS D 29 -19.24 10.95 -4.71
CA HIS D 29 -20.00 12.08 -5.21
C HIS D 29 -19.36 12.54 -6.52
N PHE D 30 -20.01 12.24 -7.63
CA PHE D 30 -19.48 12.60 -8.95
C PHE D 30 -20.16 13.76 -9.66
N PHE D 31 -21.40 14.07 -9.25
CA PHE D 31 -22.16 15.11 -9.92
C PHE D 31 -22.92 16.11 -9.03
N THR D 32 -22.95 17.37 -9.46
CA THR D 32 -23.66 18.43 -8.75
C THR D 32 -24.41 19.38 -9.70
N TYR D 33 -25.62 19.74 -9.32
CA TYR D 33 -26.41 20.71 -10.05
C TYR D 33 -26.80 21.72 -8.98
N HIS D 34 -26.51 22.99 -9.22
CA HIS D 34 -26.84 24.04 -8.27
C HIS D 34 -27.51 25.22 -8.94
N VAL D 35 -28.50 25.80 -8.26
CA VAL D 35 -29.21 26.96 -8.79
C VAL D 35 -30.01 27.67 -7.72
N GLN D 36 -30.00 28.99 -7.79
CA GLN D 36 -30.79 29.82 -6.88
C GLN D 36 -31.78 30.56 -7.79
N SER D 37 -32.97 30.85 -7.26
CA SER D 37 -34.03 31.53 -8.02
C SER D 37 -33.65 32.97 -8.30
N SER D 38 -32.81 33.50 -7.42
CA SER D 38 -32.30 34.86 -7.44
C SER D 38 -31.41 35.15 -8.65
N ASP D 39 -30.85 34.12 -9.23
CA ASP D 39 -30.08 34.20 -10.46
C ASP D 39 -30.86 33.21 -11.34
N LYS D 40 -30.26 32.10 -11.70
CA LYS D 40 -30.91 31.05 -12.52
C LYS D 40 -30.36 30.97 -13.96
N ALA D 41 -29.48 31.87 -14.27
CA ALA D 41 -28.74 31.79 -15.47
C ALA D 41 -27.43 31.25 -14.98
N SER D 42 -27.17 31.53 -13.71
CA SER D 42 -25.94 31.05 -13.09
C SER D 42 -26.13 29.61 -12.62
N SER D 43 -27.14 28.91 -13.13
CA SER D 43 -27.35 27.52 -12.74
C SER D 43 -26.15 26.76 -13.30
N ARG D 44 -25.70 25.72 -12.59
CA ARG D 44 -24.51 24.97 -13.02
C ARG D 44 -24.57 23.46 -12.84
N ALA D 45 -23.95 22.72 -13.77
CA ALA D 45 -23.89 21.27 -13.66
C ALA D 45 -22.41 20.87 -13.76
N ASN D 46 -21.82 20.44 -12.65
CA ASN D 46 -20.40 20.07 -12.66
C ASN D 46 -20.09 18.62 -12.29
N GLY D 47 -18.87 18.22 -12.65
CA GLY D 47 -18.37 16.91 -12.32
C GLY D 47 -17.60 17.24 -11.06
N THR D 48 -17.65 16.38 -10.06
CA THR D 48 -16.97 16.67 -8.80
C THR D 48 -15.92 15.64 -8.41
N ILE D 49 -15.53 14.80 -9.36
CA ILE D 49 -14.52 13.76 -9.11
C ILE D 49 -13.67 13.50 -10.37
N SER D 50 -12.36 13.39 -10.18
CA SER D 50 -11.43 13.18 -11.28
C SER D 50 -11.91 12.33 -12.46
N TRP D 51 -12.59 11.22 -12.21
CA TRP D 51 -13.03 10.42 -13.35
C TRP D 51 -14.15 11.00 -14.20
N MET D 52 -14.71 12.15 -13.81
CA MET D 52 -15.77 12.72 -14.62
C MET D 52 -15.14 13.55 -15.75
N ALA D 53 -13.87 13.91 -15.59
CA ALA D 53 -13.17 14.63 -16.65
C ALA D 53 -13.20 13.65 -17.83
N ASN D 54 -13.10 12.36 -17.51
CA ASN D 54 -13.12 11.29 -18.50
C ASN D 54 -14.51 11.14 -19.11
N VAL D 55 -15.52 11.12 -18.24
CA VAL D 55 -16.90 11.00 -18.69
C VAL D 55 -17.25 12.14 -19.65
N SER D 56 -16.70 13.31 -19.38
CA SER D 56 -16.97 14.47 -20.23
C SER D 56 -16.39 14.30 -21.65
N ALA D 57 -15.12 13.94 -21.76
CA ALA D 57 -14.52 13.74 -23.08
C ALA D 57 -15.33 12.69 -23.86
N ALA D 58 -15.75 11.63 -23.17
CA ALA D 58 -16.52 10.56 -23.78
C ALA D 58 -17.99 10.88 -24.11
N TYR D 59 -18.62 11.74 -23.33
CA TYR D 59 -20.00 12.19 -23.59
C TYR D 59 -19.87 13.70 -23.41
N PRO D 60 -19.47 14.41 -24.49
CA PRO D 60 -19.26 15.86 -24.49
C PRO D 60 -20.45 16.77 -24.17
N THR D 61 -21.67 16.24 -24.19
CA THR D 61 -22.84 17.06 -23.87
C THR D 61 -23.61 16.48 -22.68
N TYR D 62 -22.88 15.79 -21.79
CA TYR D 62 -23.47 15.19 -20.59
C TYR D 62 -23.88 16.34 -19.67
N LEU D 63 -22.91 17.18 -19.34
CA LEU D 63 -23.17 18.30 -18.45
C LEU D 63 -24.22 19.31 -18.96
N ASP D 64 -24.18 19.64 -20.24
CA ASP D 64 -25.17 20.56 -20.84
C ASP D 64 -26.54 19.93 -20.69
N GLY D 65 -26.58 18.63 -20.92
CA GLY D 65 -27.82 17.89 -20.83
C GLY D 65 -28.33 17.82 -19.40
N GLU D 66 -27.46 17.44 -18.47
CA GLU D 66 -27.86 17.35 -17.07
C GLU D 66 -28.38 18.68 -16.56
N ARG D 67 -27.73 19.74 -16.99
CA ARG D 67 -28.10 21.08 -16.58
C ARG D 67 -29.52 21.44 -17.03
N ALA D 68 -29.84 21.11 -18.28
CA ALA D 68 -31.15 21.42 -18.83
C ALA D 68 -32.22 20.79 -17.98
N LYS D 69 -32.04 19.50 -17.71
CA LYS D 69 -33.00 18.76 -16.91
C LYS D 69 -33.13 19.36 -15.51
N GLY D 70 -32.03 19.92 -15.01
CA GLY D 70 -32.04 20.52 -13.68
C GLY D 70 -32.81 21.82 -13.65
N ASP D 71 -32.61 22.64 -14.68
CA ASP D 71 -33.32 23.92 -14.78
C ASP D 71 -34.83 23.65 -14.77
N LEU D 72 -35.24 22.58 -15.45
CA LEU D 72 -36.64 22.22 -15.51
C LEU D 72 -37.12 21.68 -14.17
N ILE D 73 -36.28 20.86 -13.54
CA ILE D 73 -36.64 20.29 -12.25
C ILE D 73 -36.79 21.45 -11.25
N PHE D 74 -35.92 22.44 -11.35
CA PHE D 74 -35.98 23.58 -10.44
C PHE D 74 -37.25 24.39 -10.55
N ASN D 75 -37.75 24.50 -11.77
CA ASN D 75 -38.96 25.25 -12.03
C ASN D 75 -40.10 24.61 -11.27
N GLN D 76 -40.15 23.31 -11.38
CA GLN D 76 -41.17 22.48 -10.74
C GLN D 76 -40.94 22.47 -9.22
N THR D 77 -39.68 22.57 -8.81
CA THR D 77 -39.31 22.58 -7.40
C THR D 77 -39.78 23.83 -6.69
N GLU D 78 -39.58 24.98 -7.35
CA GLU D 78 -40.00 26.26 -6.82
C GLU D 78 -41.48 26.24 -6.49
N GLN D 79 -42.23 25.55 -7.35
CA GLN D 79 -43.66 25.45 -7.19
C GLN D 79 -44.03 24.55 -6.02
N ASN D 80 -43.36 23.40 -5.92
CA ASN D 80 -43.65 22.50 -4.82
C ASN D 80 -43.24 23.16 -3.49
N LEU D 81 -42.11 23.87 -3.49
CA LEU D 81 -41.64 24.51 -2.27
C LEU D 81 -42.64 25.54 -1.74
N LEU D 82 -43.24 26.31 -2.63
CA LEU D 82 -44.20 27.31 -2.19
C LEU D 82 -45.47 26.62 -1.75
N GLU D 83 -45.88 25.60 -2.48
CA GLU D 83 -47.07 24.85 -2.13
C GLU D 83 -46.97 24.27 -0.71
N LEU D 84 -45.87 23.58 -0.42
CA LEU D 84 -45.66 22.98 0.90
C LEU D 84 -45.52 24.00 2.04
N GLU D 85 -44.78 25.10 1.81
CA GLU D 85 -44.61 26.15 2.83
C GLU D 85 -45.94 26.75 3.27
N ILE D 86 -46.87 26.91 2.32
CA ILE D 86 -48.17 27.48 2.60
C ILE D 86 -49.06 26.45 3.29
N ALA D 87 -49.06 25.23 2.77
CA ALA D 87 -49.90 24.19 3.35
C ALA D 87 -49.42 23.63 4.69
N LEU D 88 -48.11 23.34 4.79
CA LEU D 88 -47.54 22.72 5.98
C LEU D 88 -46.85 23.59 7.03
N GLY D 89 -46.20 24.65 6.58
CA GLY D 89 -45.43 25.47 7.50
C GLY D 89 -44.21 24.62 7.81
N TYR D 90 -43.45 24.95 8.84
CA TYR D 90 -42.30 24.13 9.17
C TYR D 90 -41.99 24.31 10.66
N ARG D 91 -41.34 23.34 11.29
CA ARG D 91 -41.00 23.47 12.69
C ARG D 91 -39.51 23.72 12.87
N SER D 92 -38.72 23.26 11.91
CA SER D 92 -37.30 23.46 11.98
C SER D 92 -36.77 24.27 10.77
N GLN D 93 -37.07 23.82 9.55
CA GLN D 93 -36.64 24.51 8.33
C GLN D 93 -37.55 24.12 7.17
N SER D 94 -37.96 25.10 6.36
CA SER D 94 -38.81 24.80 5.22
C SER D 94 -37.92 24.29 4.11
N VAL D 95 -37.58 23.01 4.17
CA VAL D 95 -36.71 22.40 3.17
C VAL D 95 -37.30 21.07 2.74
N LEU D 96 -37.29 20.81 1.44
CA LEU D 96 -37.80 19.56 0.88
C LEU D 96 -36.61 18.74 0.43
N THR D 97 -36.47 17.55 0.96
CA THR D 97 -35.36 16.68 0.59
C THR D 97 -35.89 15.42 -0.10
N TRP D 98 -35.41 15.14 -1.29
CA TRP D 98 -35.85 13.91 -1.91
C TRP D 98 -34.70 13.17 -2.56
N THR D 99 -34.88 11.87 -2.73
CA THR D 99 -33.82 11.05 -3.25
C THR D 99 -34.35 9.83 -4.03
N HIS D 100 -33.53 9.28 -4.91
CA HIS D 100 -33.88 8.06 -5.64
C HIS D 100 -32.59 7.26 -5.86
N GLU D 101 -32.70 5.95 -5.69
CA GLU D 101 -31.54 5.06 -5.74
C GLU D 101 -31.69 3.81 -6.61
N CYS D 102 -30.66 3.48 -7.39
CA CYS D 102 -30.61 2.24 -8.19
C CYS D 102 -29.54 1.38 -7.61
N ASN D 103 -29.92 0.21 -7.15
CA ASN D 103 -28.96 -0.73 -6.62
C ASN D 103 -28.87 -1.90 -7.57
N THR D 104 -27.66 -2.06 -8.13
CA THR D 104 -27.38 -3.11 -9.11
C THR D 104 -26.25 -4.05 -8.71
N THR D 105 -26.18 -5.19 -9.38
CA THR D 105 -25.13 -6.18 -9.14
C THR D 105 -23.88 -5.75 -9.92
N GLU D 106 -22.79 -6.50 -9.78
CA GLU D 106 -21.56 -6.14 -10.48
C GLU D 106 -21.75 -5.96 -11.97
N ASN D 107 -22.45 -6.90 -12.60
CA ASN D 107 -22.66 -6.83 -14.04
C ASN D 107 -23.78 -5.89 -14.47
N GLY D 108 -24.13 -4.97 -13.58
CA GLY D 108 -25.14 -3.96 -13.87
C GLY D 108 -26.62 -4.29 -13.93
N SER D 109 -27.05 -5.38 -13.29
CA SER D 109 -28.47 -5.72 -13.33
C SER D 109 -29.22 -5.26 -12.07
N PHE D 110 -30.46 -4.81 -12.28
CA PHE D 110 -31.36 -4.29 -11.24
C PHE D 110 -31.67 -5.19 -10.03
N VAL D 111 -31.29 -4.76 -8.83
CA VAL D 111 -31.60 -5.51 -7.61
C VAL D 111 -32.78 -4.81 -6.93
N ALA D 112 -32.58 -3.53 -6.64
CA ALA D 112 -33.61 -2.74 -5.97
C ALA D 112 -33.60 -1.25 -6.32
N GLY D 113 -34.72 -0.59 -6.01
CA GLY D 113 -34.87 0.84 -6.26
C GLY D 113 -35.63 1.49 -5.10
N TYR D 114 -35.58 2.81 -5.03
CA TYR D 114 -36.25 3.58 -3.98
C TYR D 114 -36.36 5.05 -4.36
N GLU D 115 -37.39 5.70 -3.83
CA GLU D 115 -37.60 7.13 -4.03
C GLU D 115 -38.25 7.63 -2.75
N GLY D 116 -37.70 8.71 -2.19
CA GLY D 116 -38.24 9.25 -0.97
C GLY D 116 -38.27 10.76 -0.89
N PHE D 117 -39.18 11.29 -0.07
CA PHE D 117 -39.34 12.72 0.17
C PHE D 117 -39.43 13.05 1.65
N GLY D 118 -38.81 14.16 2.02
CA GLY D 118 -38.83 14.59 3.39
C GLY D 118 -39.05 16.08 3.42
N TRP D 119 -39.87 16.56 4.35
CA TRP D 119 -40.13 17.98 4.48
C TRP D 119 -39.78 18.32 5.91
N ASP D 120 -38.88 19.29 6.07
CA ASP D 120 -38.48 19.71 7.40
C ASP D 120 -37.89 18.54 8.20
N GLY D 121 -37.20 17.62 7.52
CA GLY D 121 -36.61 16.48 8.21
C GLY D 121 -37.56 15.35 8.52
N GLU D 122 -38.80 15.45 8.07
CA GLU D 122 -39.81 14.44 8.31
C GLU D 122 -40.11 13.70 7.02
N THR D 123 -40.18 12.37 7.08
CA THR D 123 -40.49 11.58 5.90
C THR D 123 -41.91 11.97 5.48
N LEU D 124 -42.08 12.31 4.20
CA LEU D 124 -43.36 12.74 3.66
C LEU D 124 -44.01 11.64 2.83
N MET D 125 -43.22 11.00 1.98
CA MET D 125 -43.70 9.89 1.15
C MET D 125 -42.55 9.05 0.59
N GLU D 126 -42.76 7.74 0.54
CA GLU D 126 -41.74 6.82 0.07
C GLU D 126 -42.27 5.79 -0.91
N LEU D 127 -41.38 5.35 -1.81
CA LEU D 127 -41.72 4.35 -2.81
C LEU D 127 -40.63 3.28 -2.87
N LYS D 128 -40.99 2.07 -2.46
CA LYS D 128 -40.04 0.95 -2.51
C LYS D 128 -40.73 -0.33 -3.01
N ASP D 129 -39.97 -1.43 -2.97
CA ASP D 129 -40.44 -2.74 -3.43
C ASP D 129 -40.92 -2.66 -4.88
N ASN D 130 -41.96 -3.43 -5.18
CA ASN D 130 -42.54 -3.49 -6.52
C ASN D 130 -42.86 -2.10 -7.07
N LEU D 131 -42.22 -1.10 -6.49
CA LEU D 131 -42.35 0.32 -6.85
C LEU D 131 -43.68 0.70 -7.48
N THR D 132 -44.78 0.38 -6.81
CA THR D 132 -46.13 0.70 -7.33
C THR D 132 -47.01 1.49 -6.34
N LEU D 133 -46.78 1.34 -5.04
CA LEU D 133 -47.58 2.03 -4.03
C LEU D 133 -46.77 2.90 -3.06
N TRP D 134 -47.10 4.19 -3.05
CA TRP D 134 -46.46 5.19 -2.21
C TRP D 134 -46.99 5.21 -0.77
N THR D 135 -46.10 5.09 0.22
CA THR D 135 -46.57 5.18 1.60
C THR D 135 -46.35 6.61 2.10
N GLY D 136 -46.91 6.95 3.26
CA GLY D 136 -46.81 8.31 3.79
C GLY D 136 -46.00 8.54 5.04
N PRO D 137 -46.28 9.61 5.81
CA PRO D 137 -45.52 9.87 7.04
C PRO D 137 -45.79 8.87 8.16
N ASN D 138 -44.94 8.88 9.18
CA ASN D 138 -45.15 8.01 10.34
C ASN D 138 -45.88 8.92 11.30
N TYR D 139 -47.19 9.06 11.08
CA TYR D 139 -48.04 9.94 11.87
C TYR D 139 -47.95 9.80 13.38
N GLU D 140 -47.41 8.69 13.86
CA GLU D 140 -47.28 8.47 15.30
C GLU D 140 -46.19 9.29 15.96
N ILE D 141 -45.10 9.53 15.25
CA ILE D 141 -44.01 10.27 15.84
C ILE D 141 -43.76 11.63 15.17
N SER D 142 -44.47 11.90 14.08
CA SER D 142 -44.26 13.13 13.31
C SER D 142 -45.23 14.29 13.51
N TRP D 143 -44.70 15.51 13.57
CA TRP D 143 -45.57 16.67 13.71
C TRP D 143 -46.49 16.72 12.49
N LEU D 144 -46.07 16.09 11.40
CA LEU D 144 -46.86 16.08 10.16
C LEU D 144 -48.30 15.59 10.32
N LYS D 145 -48.62 15.04 11.49
CA LYS D 145 -49.99 14.57 11.69
C LYS D 145 -50.92 15.78 11.69
N GLN D 146 -50.35 16.96 11.91
CA GLN D 146 -51.13 18.19 11.93
C GLN D 146 -51.77 18.50 10.57
N GLN D 147 -51.23 17.92 9.50
CA GLN D 147 -51.80 18.12 8.17
C GLN D 147 -52.03 16.80 7.43
N LYS D 148 -52.38 15.76 8.18
CA LYS D 148 -52.61 14.42 7.65
C LYS D 148 -53.58 14.27 6.48
N THR D 149 -54.76 14.85 6.55
CA THR D 149 -55.69 14.70 5.44
C THR D 149 -55.15 15.38 4.18
N TYR D 150 -54.47 16.51 4.35
CA TYR D 150 -53.88 17.19 3.19
C TYR D 150 -52.76 16.31 2.61
N ILE D 151 -51.91 15.78 3.49
CA ILE D 151 -50.82 14.94 3.03
C ILE D 151 -51.36 13.65 2.39
N ASP D 152 -52.19 12.90 3.09
CA ASP D 152 -52.73 11.66 2.54
C ASP D 152 -53.45 11.95 1.24
N GLY D 153 -54.02 13.14 1.13
CA GLY D 153 -54.72 13.52 -0.07
C GLY D 153 -53.77 13.62 -1.26
N LYS D 154 -52.58 14.20 -1.03
CA LYS D 154 -51.62 14.31 -2.11
C LYS D 154 -51.09 12.93 -2.49
N ILE D 155 -50.65 12.17 -1.51
CA ILE D 155 -50.13 10.83 -1.75
C ILE D 155 -51.13 9.98 -2.52
N LYS D 156 -52.41 10.08 -2.14
CA LYS D 156 -53.43 9.33 -2.84
C LYS D 156 -54.16 10.26 -3.80
N ASN D 157 -53.36 10.70 -4.78
CA ASN D 157 -53.71 11.59 -5.87
C ASN D 157 -52.54 11.43 -6.86
N ILE D 158 -51.53 10.65 -6.44
CA ILE D 158 -50.37 10.38 -7.31
C ILE D 158 -50.84 9.26 -8.24
N SER D 159 -50.84 9.52 -9.55
CA SER D 159 -51.29 8.53 -10.53
C SER D 159 -50.37 7.32 -10.60
N GLU D 160 -50.93 6.18 -11.01
CA GLU D 160 -50.12 4.97 -11.13
C GLU D 160 -49.26 5.17 -12.38
N GLY D 161 -49.70 6.10 -13.23
CA GLY D 161 -48.96 6.41 -14.44
C GLY D 161 -47.71 7.21 -14.12
N ASP D 162 -47.85 8.19 -13.24
CA ASP D 162 -46.70 9.02 -12.86
C ASP D 162 -45.72 8.24 -12.00
N THR D 163 -46.24 7.26 -11.27
CA THR D 163 -45.42 6.39 -10.44
C THR D 163 -44.60 5.57 -11.42
N THR D 164 -45.31 4.76 -12.21
CA THR D 164 -44.72 3.88 -13.21
C THR D 164 -43.52 4.51 -13.94
N ILE D 165 -43.63 5.78 -14.35
CA ILE D 165 -42.51 6.42 -15.05
C ILE D 165 -41.30 6.54 -14.12
N GLN D 166 -41.53 6.69 -12.81
CA GLN D 166 -40.41 6.78 -11.89
C GLN D 166 -39.81 5.38 -11.70
N ARG D 167 -40.65 4.35 -11.83
CA ARG D 167 -40.16 2.98 -11.68
C ARG D 167 -39.29 2.58 -12.90
N ASN D 168 -39.64 3.12 -14.07
CA ASN D 168 -38.89 2.82 -15.30
C ASN D 168 -37.59 3.58 -15.38
N TYR D 169 -37.49 4.68 -14.63
CA TYR D 169 -36.25 5.45 -14.61
C TYR D 169 -35.27 4.66 -13.76
N LEU D 170 -35.78 4.02 -12.72
CA LEU D 170 -34.98 3.24 -11.80
C LEU D 170 -34.54 1.87 -12.34
N LYS D 171 -35.42 1.20 -13.08
CA LYS D 171 -35.08 -0.10 -13.66
C LYS D 171 -34.39 0.06 -15.04
N GLY D 172 -34.51 1.23 -15.65
CA GLY D 172 -33.90 1.47 -16.95
C GLY D 172 -32.68 2.40 -17.03
N ASN D 173 -32.92 3.64 -17.45
CA ASN D 173 -31.86 4.67 -17.58
C ASN D 173 -30.76 4.58 -16.53
N CYS D 174 -31.22 4.47 -15.30
CA CYS D 174 -30.38 4.44 -14.13
C CYS D 174 -29.56 3.17 -13.97
N THR D 175 -30.11 2.02 -14.37
CA THR D 175 -29.33 0.78 -14.31
C THR D 175 -28.30 0.90 -15.41
N GLN D 176 -28.74 1.34 -16.59
CA GLN D 176 -27.84 1.49 -17.72
C GLN D 176 -26.76 2.53 -17.45
N TRP D 177 -27.06 3.53 -16.63
CA TRP D 177 -26.03 4.52 -16.34
C TRP D 177 -25.11 3.99 -15.25
N SER D 178 -25.64 3.05 -14.47
CA SER D 178 -24.86 2.41 -13.41
C SER D 178 -23.79 1.59 -14.11
N VAL D 179 -24.17 0.93 -15.21
CA VAL D 179 -23.19 0.15 -15.94
C VAL D 179 -22.13 1.12 -16.50
N ILE D 180 -22.57 2.19 -17.16
CA ILE D 180 -21.64 3.17 -17.71
C ILE D 180 -20.65 3.66 -16.65
N TYR D 181 -21.17 4.24 -15.56
CA TYR D 181 -20.32 4.77 -14.47
C TYR D 181 -19.35 3.69 -13.91
N SER D 182 -19.77 2.44 -13.92
CA SER D 182 -18.94 1.33 -13.44
C SER D 182 -17.64 1.25 -14.22
N GLY D 183 -17.71 1.60 -15.50
CA GLY D 183 -16.54 1.57 -16.36
C GLY D 183 -15.57 2.71 -16.13
N PHE D 184 -16.03 3.81 -15.54
CA PHE D 184 -15.17 4.97 -15.28
C PHE D 184 -14.65 5.12 -13.84
N GLN D 185 -15.22 4.39 -12.88
CA GLN D 185 -14.79 4.54 -11.47
C GLN D 185 -13.47 3.85 -11.16
N PRO D 186 -12.77 4.28 -10.08
CA PRO D 186 -11.48 3.68 -9.72
C PRO D 186 -11.49 2.21 -9.37
N PRO D 187 -10.30 1.60 -9.40
CA PRO D 187 -10.18 0.18 -9.05
C PRO D 187 -10.09 0.21 -7.53
N VAL D 188 -10.12 -0.95 -6.89
CA VAL D 188 -10.01 -1.01 -5.44
C VAL D 188 -8.75 -0.25 -5.02
N THR D 189 -8.89 0.70 -4.10
CA THR D 189 -7.73 1.44 -3.62
C THR D 189 -7.56 1.09 -2.15
N HIS D 190 -6.45 0.43 -1.82
CA HIS D 190 -6.16 0.03 -0.45
C HIS D 190 -5.61 1.19 0.36
N PRO D 191 -5.85 1.19 1.69
CA PRO D 191 -5.39 2.25 2.58
C PRO D 191 -3.91 2.34 2.91
N VAL D 192 -3.50 3.54 3.29
CA VAL D 192 -2.16 3.73 3.80
C VAL D 192 -2.51 3.55 5.27
N VAL D 193 -1.73 2.72 5.96
CA VAL D 193 -2.01 2.43 7.37
C VAL D 193 -0.88 2.89 8.28
N LYS D 194 -1.22 3.66 9.31
CA LYS D 194 -0.24 4.14 10.26
C LYS D 194 -0.72 3.87 11.68
N GLY D 195 0.19 3.48 12.56
CA GLY D 195 -0.20 3.19 13.93
C GLY D 195 0.93 3.38 14.92
N GLY D 196 0.59 3.36 16.21
CA GLY D 196 1.59 3.55 17.26
C GLY D 196 0.92 3.62 18.63
N VAL D 197 1.67 4.12 19.61
CA VAL D 197 1.20 4.26 20.99
C VAL D 197 1.57 5.67 21.41
N ARG D 198 0.81 6.25 22.32
CA ARG D 198 1.03 7.62 22.76
C ARG D 198 0.42 7.82 24.15
N ASN D 199 0.56 9.03 24.68
CA ASN D 199 -0.01 9.40 25.97
C ASN D 199 0.26 8.42 27.12
N GLN D 200 1.52 8.10 27.36
CA GLN D 200 1.84 7.19 28.46
C GLN D 200 1.44 7.91 29.76
N ASN D 201 0.80 7.17 30.65
CA ASN D 201 0.35 7.69 31.94
C ASN D 201 0.67 6.50 32.86
N ASP D 202 1.73 6.63 33.64
CA ASP D 202 2.15 5.54 34.53
C ASP D 202 2.48 4.32 33.66
N ASN D 203 1.83 3.18 33.91
CA ASN D 203 2.11 2.00 33.09
C ASN D 203 1.04 1.76 32.01
N ARG D 204 0.28 2.80 31.69
CA ARG D 204 -0.77 2.69 30.67
C ARG D 204 -0.45 3.64 29.50
N ALA D 205 -0.97 3.35 28.33
CA ALA D 205 -0.74 4.19 27.15
C ALA D 205 -1.93 4.00 26.22
N GLU D 206 -1.93 4.69 25.09
CA GLU D 206 -3.02 4.55 24.16
C GLU D 206 -2.46 4.14 22.80
N ALA D 207 -2.98 3.05 22.26
CA ALA D 207 -2.56 2.58 20.95
C ALA D 207 -3.55 3.13 19.93
N PHE D 208 -3.07 3.42 18.72
CA PHE D 208 -3.94 3.95 17.67
C PHE D 208 -3.58 3.33 16.33
N CYS D 209 -4.55 3.33 15.43
CA CYS D 209 -4.34 2.80 14.10
C CYS D 209 -5.31 3.47 13.14
N THR D 210 -4.75 4.06 12.09
CA THR D 210 -5.57 4.80 11.12
C THR D 210 -5.31 4.40 9.66
N SER D 211 -6.39 4.33 8.89
CA SER D 211 -6.36 3.97 7.48
C SER D 211 -6.70 5.20 6.65
N TYR D 212 -5.87 5.49 5.65
CA TYR D 212 -6.03 6.66 4.79
C TYR D 212 -6.24 6.35 3.32
N GLY D 213 -7.03 7.21 2.68
CA GLY D 213 -7.32 7.12 1.26
C GLY D 213 -7.77 5.81 0.65
N PHE D 214 -8.72 5.13 1.28
CA PHE D 214 -9.19 3.87 0.75
C PHE D 214 -10.56 3.97 0.10
N PHE D 215 -10.78 3.12 -0.90
CA PHE D 215 -12.02 3.02 -1.65
C PHE D 215 -12.14 1.58 -2.16
N PRO D 216 -13.31 0.95 -2.04
CA PRO D 216 -14.55 1.47 -1.45
C PRO D 216 -14.43 1.62 0.08
N GLY D 217 -15.45 2.25 0.68
CA GLY D 217 -15.45 2.48 2.12
C GLY D 217 -15.52 1.31 3.10
N GLU D 218 -15.83 0.11 2.66
CA GLU D 218 -15.90 -1.00 3.60
C GLU D 218 -14.49 -1.36 4.09
N ILE D 219 -14.32 -1.44 5.41
CA ILE D 219 -13.01 -1.77 5.95
C ILE D 219 -13.10 -2.32 7.37
N GLN D 220 -12.10 -3.09 7.76
CA GLN D 220 -12.05 -3.64 9.10
C GLN D 220 -10.68 -3.35 9.69
N ILE D 221 -10.69 -2.69 10.85
CA ILE D 221 -9.48 -2.33 11.56
C ILE D 221 -9.56 -2.98 12.93
N THR D 222 -8.60 -3.86 13.23
CA THR D 222 -8.61 -4.58 14.49
C THR D 222 -7.25 -4.53 15.20
N PHE D 223 -7.29 -4.33 16.51
CA PHE D 223 -6.07 -4.32 17.32
C PHE D 223 -5.87 -5.77 17.80
N ILE D 224 -4.66 -6.30 17.60
CA ILE D 224 -4.36 -7.68 18.00
C ILE D 224 -3.42 -7.61 19.20
N HIS D 225 -3.86 -8.18 20.31
CA HIS D 225 -3.10 -8.19 21.55
C HIS D 225 -2.28 -9.47 21.74
N TYR D 226 -0.96 -9.34 21.71
CA TYR D 226 -0.07 -10.49 21.93
C TYR D 226 0.46 -10.36 23.36
N GLY D 227 -0.44 -10.59 24.32
CA GLY D 227 -0.11 -10.49 25.74
C GLY D 227 -1.32 -10.89 26.60
N ASP D 228 -1.18 -10.82 27.92
CA ASP D 228 -2.25 -11.24 28.84
C ASP D 228 -2.79 -10.19 29.80
N LYS D 229 -2.25 -8.97 29.74
CA LYS D 229 -2.71 -7.90 30.61
C LYS D 229 -3.34 -6.78 29.76
N VAL D 230 -4.51 -6.32 30.16
CA VAL D 230 -5.25 -5.28 29.44
C VAL D 230 -5.99 -4.45 30.47
N PRO D 231 -5.96 -3.12 30.34
CA PRO D 231 -6.69 -2.35 31.34
C PRO D 231 -8.17 -2.74 31.36
N GLU D 232 -8.71 -2.75 32.57
CA GLU D 232 -10.10 -3.09 32.83
C GLU D 232 -11.09 -2.21 32.04
N ASP D 233 -10.76 -0.93 31.92
CA ASP D 233 -11.61 0.01 31.19
C ASP D 233 -11.39 -0.01 29.67
N SER D 234 -10.46 -0.83 29.20
CA SER D 234 -10.16 -0.88 27.77
C SER D 234 -11.27 -1.43 26.89
N GLU D 235 -11.47 -0.77 25.76
CA GLU D 235 -12.45 -1.14 24.75
C GLU D 235 -12.03 -0.46 23.44
N PRO D 236 -11.69 -1.25 22.40
CA PRO D 236 -11.29 -0.63 21.13
C PRO D 236 -12.39 0.26 20.61
N GLN D 237 -12.03 1.40 20.05
CA GLN D 237 -13.04 2.32 19.52
C GLN D 237 -12.52 3.00 18.26
N CYS D 238 -13.39 3.12 17.27
CA CYS D 238 -13.04 3.76 16.03
C CYS D 238 -13.91 4.96 15.82
N ASN D 239 -13.32 6.03 15.28
CA ASN D 239 -14.10 7.20 14.95
C ASN D 239 -14.92 6.78 13.71
N PRO D 240 -15.86 7.63 13.28
CA PRO D 240 -16.65 7.23 12.11
C PRO D 240 -15.85 7.14 10.82
N LEU D 241 -16.46 6.52 9.82
CA LEU D 241 -15.87 6.38 8.51
C LEU D 241 -16.11 7.77 7.90
N LEU D 242 -15.03 8.48 7.58
CA LEU D 242 -15.11 9.82 7.03
C LEU D 242 -14.63 9.92 5.58
N PRO D 243 -15.25 10.80 4.79
CA PRO D 243 -14.88 10.98 3.39
C PRO D 243 -13.89 12.11 3.10
N THR D 244 -13.17 11.98 2.00
CA THR D 244 -12.30 13.08 1.55
C THR D 244 -12.80 13.39 0.13
N LEU D 245 -12.44 14.58 -0.34
CA LEU D 245 -12.87 15.05 -1.65
C LEU D 245 -12.54 14.15 -2.85
N ASP D 246 -11.39 13.50 -2.83
CA ASP D 246 -11.01 12.64 -3.95
C ASP D 246 -11.82 11.35 -4.05
N GLY D 247 -12.84 11.22 -3.22
CA GLY D 247 -13.66 10.03 -3.30
C GLY D 247 -13.18 8.82 -2.51
N THR D 248 -12.18 9.00 -1.65
CA THR D 248 -11.70 7.89 -0.84
C THR D 248 -12.14 8.09 0.61
N PHE D 249 -11.76 7.16 1.49
CA PHE D 249 -12.20 7.26 2.87
C PHE D 249 -11.12 7.22 3.94
N HIS D 250 -11.53 7.58 5.16
CA HIS D 250 -10.62 7.68 6.30
C HIS D 250 -11.24 7.11 7.58
N GLN D 251 -10.43 6.44 8.40
CA GLN D 251 -10.91 5.93 9.67
C GLN D 251 -9.79 5.59 10.65
N GLY D 252 -9.86 6.23 11.82
CA GLY D 252 -8.88 6.03 12.85
C GLY D 252 -9.53 5.38 14.06
N CYS D 253 -8.77 4.52 14.74
CA CYS D 253 -9.27 3.80 15.91
C CYS D 253 -8.22 3.87 17.00
N TYR D 254 -8.65 3.65 18.24
CA TYR D 254 -7.74 3.68 19.37
C TYR D 254 -8.16 2.64 20.40
N VAL D 255 -7.25 2.34 21.32
CA VAL D 255 -7.52 1.38 22.38
C VAL D 255 -6.59 1.61 23.58
N ALA D 256 -7.15 1.60 24.79
CA ALA D 256 -6.34 1.78 25.99
C ALA D 256 -5.54 0.50 26.24
N ILE D 257 -4.24 0.65 26.52
CA ILE D 257 -3.40 -0.51 26.79
C ILE D 257 -2.40 -0.26 27.91
N PHE D 258 -1.74 -1.34 28.32
CA PHE D 258 -0.67 -1.30 29.31
C PHE D 258 0.50 -1.16 28.36
N SER D 259 1.41 -0.24 28.63
CA SER D 259 2.53 -0.02 27.74
C SER D 259 3.52 -1.19 27.57
N ASN D 260 3.53 -2.15 28.48
CA ASN D 260 4.47 -3.27 28.30
C ASN D 260 3.92 -4.39 27.42
N GLN D 261 2.80 -4.14 26.76
CA GLN D 261 2.20 -5.18 25.91
C GLN D 261 2.45 -5.04 24.41
N ASN D 262 2.61 -6.19 23.75
CA ASN D 262 2.82 -6.24 22.31
C ASN D 262 1.47 -6.17 21.61
N TYR D 263 1.36 -5.22 20.68
CA TYR D 263 0.15 -5.01 19.89
C TYR D 263 0.50 -4.78 18.44
N THR D 264 -0.40 -5.21 17.55
CA THR D 264 -0.25 -4.96 16.13
C THR D 264 -1.60 -4.44 15.71
N CYS D 265 -1.66 -3.88 14.50
CA CYS D 265 -2.91 -3.42 13.96
C CYS D 265 -3.13 -4.24 12.69
N ARG D 266 -4.31 -4.81 12.53
CA ARG D 266 -4.61 -5.59 11.33
C ARG D 266 -5.74 -4.87 10.62
N VAL D 267 -5.54 -4.60 9.35
CA VAL D 267 -6.52 -3.92 8.54
C VAL D 267 -6.85 -4.80 7.33
N THR D 268 -8.12 -5.17 7.20
CA THR D 268 -8.59 -5.98 6.07
C THR D 268 -9.41 -5.03 5.23
N HIS D 269 -9.04 -4.84 3.97
CA HIS D 269 -9.83 -3.94 3.15
C HIS D 269 -10.55 -4.68 2.05
N GLY D 270 -9.85 -5.12 1.01
CA GLY D 270 -10.59 -5.87 0.01
C GLY D 270 -10.34 -7.32 0.37
N ASN D 271 -9.61 -7.97 -0.53
CA ASN D 271 -9.14 -9.33 -0.38
C ASN D 271 -7.70 -8.97 -0.14
N TRP D 272 -7.51 -8.16 0.89
CA TRP D 272 -6.20 -7.63 1.25
C TRP D 272 -6.19 -7.38 2.76
N THR D 273 -5.16 -7.90 3.43
CA THR D 273 -5.01 -7.70 4.86
C THR D 273 -3.57 -7.29 5.13
N VAL D 274 -3.41 -6.24 5.92
CA VAL D 274 -2.08 -5.79 6.26
C VAL D 274 -1.95 -5.75 7.80
N GLU D 275 -0.75 -6.04 8.29
CA GLU D 275 -0.51 -6.04 9.72
C GLU D 275 0.79 -5.29 10.01
N ILE D 276 0.73 -4.37 10.98
CA ILE D 276 1.88 -3.58 11.40
C ILE D 276 2.01 -3.55 12.93
N PRO D 277 3.25 -3.58 13.43
CA PRO D 277 3.43 -3.54 14.89
C PRO D 277 3.02 -2.16 15.36
N ILE D 278 2.49 -2.07 16.57
CA ILE D 278 2.03 -0.81 17.10
C ILE D 278 2.71 -0.52 18.45
N SER D 279 3.02 -1.57 19.20
CA SER D 279 3.77 -1.42 20.45
C SER D 279 4.45 -2.76 20.73
N VAL D 280 5.73 -2.68 21.10
CA VAL D 280 6.54 -3.86 21.41
C VAL D 280 7.43 -3.55 22.61
N ILE E 1 -37.66 17.89 13.27
CA ILE E 1 -37.06 18.22 14.58
C ILE E 1 -35.67 18.75 14.26
N GLN E 2 -35.08 19.52 15.16
CA GLN E 2 -33.73 20.03 14.93
C GLN E 2 -32.73 18.95 15.30
N ARG E 3 -31.55 18.97 14.70
CA ARG E 3 -30.52 17.99 14.99
C ARG E 3 -29.20 18.71 15.09
N THR E 4 -28.43 18.40 16.12
CA THR E 4 -27.15 19.06 16.37
C THR E 4 -26.05 18.37 15.55
N PRO E 5 -25.08 19.14 15.01
CA PRO E 5 -24.06 18.46 14.20
C PRO E 5 -23.00 17.66 14.94
N LYS E 6 -22.55 16.61 14.27
CA LYS E 6 -21.43 15.83 14.78
C LYS E 6 -20.24 16.46 14.05
N ILE E 7 -19.10 16.57 14.72
CA ILE E 7 -17.91 17.21 14.15
C ILE E 7 -16.65 16.35 14.16
N GLN E 8 -16.04 16.13 12.99
CA GLN E 8 -14.79 15.36 12.91
C GLN E 8 -13.71 16.10 12.13
N VAL E 9 -12.51 16.16 12.71
CA VAL E 9 -11.37 16.84 12.09
C VAL E 9 -10.24 15.83 11.85
N TYR E 10 -9.79 15.77 10.59
CA TYR E 10 -8.74 14.85 10.14
C TYR E 10 -8.04 15.31 8.87
N SER E 11 -6.86 14.74 8.63
CA SER E 11 -6.07 15.03 7.45
C SER E 11 -6.21 13.91 6.43
N ARG E 12 -5.95 14.23 5.17
CA ARG E 12 -6.03 13.28 4.06
C ARG E 12 -4.95 12.21 4.14
N HIS E 13 -3.77 12.63 4.58
CA HIS E 13 -2.62 11.74 4.69
C HIS E 13 -2.07 11.85 6.07
N PRO E 14 -1.18 10.91 6.44
CA PRO E 14 -0.58 11.00 7.78
C PRO E 14 0.15 12.32 7.91
N ALA E 15 0.09 12.89 9.10
CA ALA E 15 0.72 14.15 9.39
C ALA E 15 2.24 14.03 9.42
N GLU E 16 2.91 14.87 8.65
CA GLU E 16 4.37 14.93 8.66
C GLU E 16 4.78 16.38 8.54
N ASN E 17 5.38 16.91 9.61
CA ASN E 17 5.80 18.29 9.64
C ASN E 17 6.57 18.73 8.40
N GLY E 18 6.20 19.89 7.88
CA GLY E 18 6.85 20.41 6.69
C GLY E 18 6.37 19.78 5.42
N LYS E 19 5.44 18.85 5.52
CA LYS E 19 4.93 18.19 4.32
C LYS E 19 3.52 18.68 3.98
N SER E 20 3.28 18.90 2.69
CA SER E 20 1.98 19.38 2.21
C SER E 20 0.90 18.33 2.48
N ASN E 21 -0.29 18.78 2.90
CA ASN E 21 -1.38 17.88 3.24
C ASN E 21 -2.73 18.59 3.03
N PHE E 22 -3.82 17.90 3.36
CA PHE E 22 -5.16 18.47 3.28
C PHE E 22 -5.86 18.24 4.62
N LEU E 23 -6.37 19.32 5.21
CA LEU E 23 -7.08 19.23 6.48
C LEU E 23 -8.60 19.27 6.23
N ASN E 24 -9.32 18.39 6.92
CA ASN E 24 -10.77 18.31 6.74
C ASN E 24 -11.57 18.50 8.01
N CYS E 25 -12.78 19.02 7.85
CA CYS E 25 -13.71 19.15 8.97
C CYS E 25 -15.03 18.71 8.37
N TYR E 26 -15.52 17.58 8.85
CA TYR E 26 -16.76 17.02 8.37
C TYR E 26 -17.87 17.20 9.41
N VAL E 27 -18.91 17.92 9.03
CA VAL E 27 -20.04 18.12 9.94
C VAL E 27 -21.19 17.30 9.38
N SER E 28 -21.89 16.58 10.26
CA SER E 28 -22.97 15.73 9.79
C SER E 28 -24.12 15.65 10.79
N GLY E 29 -25.22 15.05 10.35
CA GLY E 29 -26.39 14.89 11.20
C GLY E 29 -27.06 16.15 11.69
N PHE E 30 -26.92 17.24 10.97
CA PHE E 30 -27.52 18.48 11.43
C PHE E 30 -28.76 18.92 10.66
N HIS E 31 -29.59 19.70 11.33
CA HIS E 31 -30.85 20.21 10.79
C HIS E 31 -31.25 21.33 11.76
N PRO E 32 -31.52 22.54 11.24
CA PRO E 32 -31.47 23.01 9.85
C PRO E 32 -30.13 22.87 9.14
N SER E 33 -30.15 23.04 7.82
CA SER E 33 -28.94 22.95 7.04
C SER E 33 -28.04 24.15 7.26
N ASP E 34 -28.59 25.25 7.79
CA ASP E 34 -27.79 26.46 8.04
C ASP E 34 -26.75 26.17 9.11
N ILE E 35 -25.48 26.45 8.82
CA ILE E 35 -24.40 26.20 9.75
C ILE E 35 -23.19 27.04 9.36
N GLU E 36 -22.39 27.46 10.35
CA GLU E 36 -21.18 28.23 10.07
C GLU E 36 -19.99 27.40 10.58
N VAL E 37 -19.02 27.21 9.71
CA VAL E 37 -17.83 26.41 10.00
C VAL E 37 -16.55 27.09 9.53
N ASP E 38 -15.58 27.20 10.43
CA ASP E 38 -14.28 27.78 10.12
C ASP E 38 -13.19 26.82 10.60
N LEU E 39 -12.12 26.72 9.82
CA LEU E 39 -10.98 25.92 10.19
C LEU E 39 -10.04 26.95 10.78
N LEU E 40 -9.41 26.63 11.90
CA LEU E 40 -8.52 27.56 12.57
C LEU E 40 -7.08 27.04 12.69
N LYS E 41 -6.13 27.96 12.58
CA LYS E 41 -4.71 27.64 12.74
C LYS E 41 -4.30 28.48 13.93
N ASN E 42 -3.92 27.81 15.00
CA ASN E 42 -3.54 28.45 16.25
C ASN E 42 -4.56 29.49 16.70
N GLY E 43 -5.83 29.15 16.56
CA GLY E 43 -6.90 30.04 17.01
C GLY E 43 -7.37 31.08 16.01
N GLU E 44 -6.62 31.25 14.92
CA GLU E 44 -6.98 32.21 13.89
C GLU E 44 -7.70 31.56 12.73
N ARG E 45 -8.73 32.23 12.23
CA ARG E 45 -9.49 31.71 11.10
C ARG E 45 -8.62 31.55 9.84
N ILE E 46 -8.78 30.43 9.14
CA ILE E 46 -8.03 30.17 7.89
C ILE E 46 -8.89 30.64 6.72
N GLU E 47 -8.32 31.47 5.84
CA GLU E 47 -9.00 32.03 4.67
C GLU E 47 -9.05 31.08 3.48
N LYS E 48 -10.04 31.25 2.61
CA LYS E 48 -10.16 30.40 1.42
C LYS E 48 -10.38 28.91 1.70
N VAL E 49 -11.10 28.62 2.77
CA VAL E 49 -11.47 27.25 3.12
C VAL E 49 -12.65 27.03 2.19
N GLU E 50 -12.74 25.85 1.61
CA GLU E 50 -13.84 25.54 0.70
C GLU E 50 -14.67 24.40 1.28
N HIS E 51 -15.88 24.23 0.76
CA HIS E 51 -16.71 23.14 1.24
C HIS E 51 -17.44 22.50 0.08
N SER E 52 -17.85 21.27 0.32
CA SER E 52 -18.55 20.47 -0.66
C SER E 52 -19.98 20.96 -0.81
N ASP E 53 -20.68 20.31 -1.72
CA ASP E 53 -22.06 20.62 -2.03
C ASP E 53 -22.97 19.98 -1.00
N LEU E 54 -23.99 20.74 -0.58
CA LEU E 54 -24.95 20.27 0.42
C LEU E 54 -25.59 18.96 0.00
N SER E 55 -25.66 18.05 0.97
CA SER E 55 -26.19 16.71 0.79
C SER E 55 -26.80 16.27 2.13
N PHE E 56 -27.56 15.19 2.13
CA PHE E 56 -28.20 14.71 3.35
C PHE E 56 -28.16 13.19 3.43
N SER E 57 -28.29 12.65 4.63
CA SER E 57 -28.27 11.20 4.84
C SER E 57 -29.68 10.62 4.78
N LYS E 58 -29.78 9.31 5.02
CA LYS E 58 -31.05 8.62 4.96
C LYS E 58 -32.13 9.18 5.90
N ASP E 59 -31.73 9.81 7.01
CA ASP E 59 -32.70 10.40 7.92
C ASP E 59 -32.97 11.88 7.59
N TRP E 60 -32.57 12.30 6.39
CA TRP E 60 -32.73 13.68 5.92
C TRP E 60 -31.85 14.70 6.65
N SER E 61 -30.94 14.25 7.50
CA SER E 61 -30.06 15.20 8.18
C SER E 61 -28.94 15.54 7.20
N PHE E 62 -28.39 16.73 7.34
CA PHE E 62 -27.37 17.22 6.42
C PHE E 62 -25.93 16.99 6.78
N TYR E 63 -25.09 17.00 5.76
CA TYR E 63 -23.64 16.88 5.96
C TYR E 63 -22.87 17.68 4.93
N LEU E 64 -21.71 18.19 5.35
CA LEU E 64 -20.83 18.99 4.52
C LEU E 64 -19.38 18.72 4.91
N LEU E 65 -18.49 18.85 3.94
CA LEU E 65 -17.07 18.67 4.18
C LEU E 65 -16.36 19.98 3.87
N TYR E 66 -15.68 20.53 4.87
CA TYR E 66 -14.87 21.74 4.72
C TYR E 66 -13.42 21.31 4.62
N TYR E 67 -12.67 21.96 3.74
CA TYR E 67 -11.29 21.56 3.54
C TYR E 67 -10.33 22.70 3.15
N THR E 68 -9.03 22.45 3.30
CA THR E 68 -7.96 23.41 2.97
C THR E 68 -6.61 22.70 2.81
N GLU E 69 -5.77 23.13 1.86
CA GLU E 69 -4.43 22.54 1.70
C GLU E 69 -3.70 23.21 2.85
N PHE E 70 -2.83 22.47 3.53
CA PHE E 70 -2.07 23.04 4.62
C PHE E 70 -0.77 22.23 4.72
N THR E 71 0.20 22.78 5.45
CA THR E 71 1.46 22.12 5.66
C THR E 71 1.71 22.37 7.13
N PRO E 72 1.52 21.34 7.96
CA PRO E 72 1.73 21.46 9.40
C PRO E 72 3.19 21.52 9.83
N THR E 73 3.45 22.18 10.96
CA THR E 73 4.78 22.26 11.53
C THR E 73 4.58 21.87 12.98
N GLU E 74 5.65 21.48 13.64
CA GLU E 74 5.57 21.05 15.02
C GLU E 74 4.94 22.07 15.99
N LYS E 75 4.94 23.34 15.60
CA LYS E 75 4.43 24.44 16.42
C LYS E 75 2.91 24.57 16.35
N ASP E 76 2.36 24.25 15.18
CA ASP E 76 0.94 24.43 14.90
C ASP E 76 -0.11 23.49 15.47
N GLU E 77 -1.23 24.11 15.82
CA GLU E 77 -2.40 23.46 16.38
C GLU E 77 -3.54 23.91 15.48
N TYR E 78 -4.32 22.95 14.99
CA TYR E 78 -5.44 23.26 14.13
C TYR E 78 -6.75 22.88 14.82
N ALA E 79 -7.86 23.42 14.33
CA ALA E 79 -9.17 23.15 14.93
C ALA E 79 -10.32 23.48 14.00
N CYS E 80 -11.50 22.98 14.33
CA CYS E 80 -12.70 23.28 13.54
C CYS E 80 -13.66 23.98 14.47
N ARG E 81 -14.17 25.12 14.05
CA ARG E 81 -15.11 25.88 14.85
C ARG E 81 -16.45 25.83 14.14
N VAL E 82 -17.47 25.36 14.87
CA VAL E 82 -18.79 25.18 14.31
C VAL E 82 -19.86 25.89 15.12
N ASN E 83 -20.81 26.51 14.43
CA ASN E 83 -21.91 27.17 15.08
C ASN E 83 -23.18 26.77 14.34
N HIS E 84 -24.25 26.55 15.11
CA HIS E 84 -25.52 26.08 14.58
C HIS E 84 -26.60 26.45 15.61
N VAL E 85 -27.86 26.55 15.19
CA VAL E 85 -28.91 26.94 16.13
C VAL E 85 -29.12 26.00 17.31
N THR E 86 -28.69 24.76 17.20
CA THR E 86 -28.88 23.83 18.33
C THR E 86 -27.79 24.01 19.38
N LEU E 87 -26.77 24.82 19.08
CA LEU E 87 -25.66 25.06 20.00
C LEU E 87 -25.83 26.35 20.76
N SER E 88 -25.39 26.37 22.02
CA SER E 88 -25.50 27.57 22.83
C SER E 88 -24.43 28.60 22.44
N GLN E 89 -23.36 28.13 21.81
CA GLN E 89 -22.24 28.96 21.35
C GLN E 89 -21.38 28.09 20.43
N PRO E 90 -20.39 28.66 19.73
CA PRO E 90 -19.60 27.79 18.85
C PRO E 90 -18.88 26.66 19.57
N LYS E 91 -18.71 25.56 18.87
CA LYS E 91 -18.01 24.41 19.40
C LYS E 91 -16.69 24.39 18.63
N ILE E 92 -15.59 24.20 19.34
CA ILE E 92 -14.26 24.14 18.71
C ILE E 92 -13.70 22.74 18.94
N VAL E 93 -13.39 22.05 17.86
CA VAL E 93 -12.87 20.70 17.90
C VAL E 93 -11.45 20.64 17.30
N LYS E 94 -10.48 20.31 18.16
CA LYS E 94 -9.09 20.22 17.74
C LYS E 94 -8.74 19.00 16.91
N TRP E 95 -7.80 19.19 16.01
CA TRP E 95 -7.32 18.14 15.14
C TRP E 95 -6.44 17.20 15.95
N ASP E 96 -6.80 15.91 15.97
CA ASP E 96 -5.98 14.90 16.64
C ASP E 96 -5.19 14.34 15.44
N ARG E 97 -3.89 14.65 15.41
CA ARG E 97 -3.03 14.23 14.31
C ARG E 97 -2.88 12.74 14.02
N ASP E 98 -3.11 11.88 15.01
CA ASP E 98 -2.98 10.44 14.78
C ASP E 98 -4.27 9.77 14.33
N MET E 99 -5.40 10.47 14.50
CA MET E 99 -6.72 9.91 14.14
C MET E 99 -7.15 10.09 12.69
N HIS F 2 -3.23 -6.21 45.83
CA HIS F 2 -3.19 -4.73 45.57
C HIS F 2 -3.45 -3.89 46.81
N LEU F 3 -2.85 -2.71 46.83
CA LEU F 3 -2.99 -1.81 47.96
C LEU F 3 -4.40 -1.23 48.06
N PRO F 4 -4.81 -0.81 49.28
CA PRO F 4 -6.13 -0.23 49.56
C PRO F 4 -6.46 0.92 48.62
N LYS F 5 -7.65 0.90 48.07
CA LYS F 5 -8.07 1.92 47.13
C LYS F 5 -8.43 3.27 47.73
N PRO F 6 -7.96 4.33 47.06
CA PRO F 6 -8.20 5.72 47.47
C PRO F 6 -9.63 6.09 47.10
N THR F 7 -10.03 7.27 47.54
CA THR F 7 -11.35 7.80 47.24
C THR F 7 -11.14 8.91 46.22
N LEU F 8 -12.07 9.02 45.27
CA LEU F 8 -12.01 10.03 44.23
C LEU F 8 -13.27 10.88 44.29
N TRP F 9 -13.09 12.20 44.41
CA TRP F 9 -14.23 13.10 44.42
C TRP F 9 -13.91 14.38 43.64
N ALA F 10 -14.93 15.20 43.39
CA ALA F 10 -14.79 16.43 42.65
C ALA F 10 -15.24 17.63 43.47
N GLU F 11 -14.54 18.75 43.32
CA GLU F 11 -14.91 19.99 44.05
C GLU F 11 -14.95 21.10 43.03
N PRO F 12 -16.01 21.92 43.03
CA PRO F 12 -17.17 21.86 43.94
C PRO F 12 -18.20 20.74 43.69
N GLY F 13 -18.13 20.07 42.55
CA GLY F 13 -19.09 19.02 42.26
C GLY F 13 -18.69 18.30 41.00
N SER F 14 -19.48 17.30 40.59
CA SER F 14 -19.18 16.51 39.40
C SER F 14 -19.97 16.93 38.16
N VAL F 15 -20.89 17.88 38.31
CA VAL F 15 -21.67 18.38 37.19
C VAL F 15 -21.28 19.85 37.08
N ILE F 16 -20.40 20.13 36.13
CA ILE F 16 -19.86 21.47 35.94
C ILE F 16 -20.29 22.18 34.66
N THR F 17 -20.53 23.47 34.84
CA THR F 17 -20.97 24.37 33.79
C THR F 17 -19.74 24.64 32.89
N GLN F 18 -19.92 24.57 31.58
CA GLN F 18 -18.84 24.80 30.60
C GLN F 18 -18.02 26.04 30.97
N GLY F 19 -16.70 25.90 31.00
CA GLY F 19 -15.85 27.04 31.31
C GLY F 19 -15.59 27.29 32.79
N SER F 20 -16.25 26.55 33.67
CA SER F 20 -16.02 26.77 35.10
C SER F 20 -14.90 25.87 35.61
N PRO F 21 -14.32 26.21 36.77
CA PRO F 21 -13.25 25.40 37.32
C PRO F 21 -13.79 24.26 38.19
N VAL F 22 -13.03 23.17 38.28
CA VAL F 22 -13.39 22.03 39.10
C VAL F 22 -12.09 21.28 39.35
N THR F 23 -11.96 20.68 40.52
CA THR F 23 -10.76 19.94 40.88
C THR F 23 -11.12 18.50 41.19
N LEU F 24 -10.39 17.55 40.62
CA LEU F 24 -10.62 16.15 40.91
C LEU F 24 -9.67 15.83 42.04
N ARG F 25 -10.21 15.27 43.12
CA ARG F 25 -9.43 14.94 44.31
C ARG F 25 -9.32 13.44 44.56
N CYS F 26 -8.12 13.01 44.94
CA CYS F 26 -7.84 11.61 45.23
C CYS F 26 -7.14 11.54 46.59
N GLN F 27 -7.60 10.63 47.44
CA GLN F 27 -7.03 10.51 48.76
C GLN F 27 -7.49 9.20 49.40
N GLY F 28 -6.86 8.86 50.52
CA GLY F 28 -7.23 7.63 51.19
C GLY F 28 -6.27 6.53 50.84
N GLY F 29 -5.15 6.89 50.23
CA GLY F 29 -4.17 5.87 49.92
C GLY F 29 -3.81 5.25 51.25
N GLN F 30 -2.61 5.54 51.67
CA GLN F 30 -2.06 5.18 52.96
C GLN F 30 -1.28 6.45 52.78
N GLU F 31 -0.26 6.74 53.56
CA GLU F 31 0.42 7.96 53.21
C GLU F 31 0.98 7.67 51.81
N THR F 32 0.76 8.56 50.86
CA THR F 32 1.33 8.41 49.52
C THR F 32 1.37 9.75 48.80
N GLN F 33 2.24 9.83 47.80
CA GLN F 33 2.39 11.02 46.99
C GLN F 33 2.44 10.59 45.53
N GLU F 34 2.22 9.30 45.26
CA GLU F 34 2.26 8.80 43.89
C GLU F 34 0.89 8.55 43.29
N TYR F 35 0.03 9.55 43.42
CA TYR F 35 -1.31 9.51 42.89
C TYR F 35 -1.32 9.42 41.38
N ARG F 36 -2.35 8.76 40.85
CA ARG F 36 -2.52 8.57 39.43
C ARG F 36 -3.99 8.79 39.10
N LEU F 37 -4.25 9.42 37.97
CA LEU F 37 -5.60 9.67 37.53
C LEU F 37 -5.68 9.26 36.07
N TYR F 38 -6.81 8.72 35.67
CA TYR F 38 -7.00 8.34 34.28
C TYR F 38 -8.47 8.38 33.97
N ARG F 39 -8.79 8.60 32.69
CA ARG F 39 -10.16 8.59 32.26
C ARG F 39 -10.35 7.23 31.65
N GLU F 40 -11.49 6.61 31.91
CA GLU F 40 -11.73 5.28 31.34
C GLU F 40 -11.85 5.33 29.81
N LYS F 41 -11.33 4.28 29.16
CA LYS F 41 -11.40 4.08 27.72
C LYS F 41 -10.64 5.04 26.79
N LYS F 42 -10.78 6.34 27.02
CA LYS F 42 -10.12 7.33 26.18
C LYS F 42 -9.27 8.22 27.08
N THR F 43 -7.97 8.24 26.83
CA THR F 43 -7.08 9.05 27.65
C THR F 43 -7.42 10.53 27.59
N ALA F 44 -7.23 11.19 28.74
CA ALA F 44 -7.46 12.62 28.92
C ALA F 44 -6.08 13.24 29.09
N PRO F 45 -5.51 13.80 28.02
CA PRO F 45 -4.17 14.41 28.02
C PRO F 45 -3.89 15.42 29.14
N TRP F 46 -4.88 16.25 29.47
CA TRP F 46 -4.72 17.26 30.52
C TRP F 46 -4.16 16.70 31.84
N ILE F 47 -4.49 15.45 32.15
CA ILE F 47 -4.03 14.83 33.40
C ILE F 47 -2.50 14.85 33.51
N THR F 48 -1.82 14.47 32.45
CA THR F 48 -0.36 14.43 32.46
C THR F 48 0.28 15.82 32.40
N ARG F 49 -0.54 16.87 32.30
CA ARG F 49 0.02 18.20 32.30
C ARG F 49 -0.03 18.81 33.69
N ILE F 50 -0.67 18.12 34.63
CA ILE F 50 -0.75 18.62 36.01
C ILE F 50 0.63 18.62 36.68
N PRO F 51 1.06 19.78 37.19
CA PRO F 51 2.34 19.94 37.88
C PRO F 51 2.48 18.86 38.95
N GLN F 52 3.65 18.25 39.03
CA GLN F 52 3.93 17.17 39.97
C GLN F 52 3.66 17.48 41.44
N GLU F 53 3.86 18.73 41.86
CA GLU F 53 3.61 19.10 43.26
C GLU F 53 2.12 18.99 43.61
N LEU F 54 1.26 19.17 42.60
CA LEU F 54 -0.16 19.07 42.80
C LEU F 54 -0.53 17.58 42.78
N VAL F 55 0.00 16.85 41.81
CA VAL F 55 -0.27 15.41 41.72
C VAL F 55 0.05 14.75 43.07
N LYS F 56 1.17 15.16 43.66
CA LYS F 56 1.63 14.63 44.94
C LYS F 56 0.60 14.76 46.04
N LYS F 57 -0.25 15.77 45.93
CA LYS F 57 -1.28 16.02 46.94
C LYS F 57 -2.60 15.36 46.56
N GLY F 58 -2.62 14.70 45.41
CA GLY F 58 -3.82 14.04 44.95
C GLY F 58 -4.77 15.08 44.39
N GLN F 59 -4.22 16.20 43.96
CA GLN F 59 -5.00 17.32 43.42
C GLN F 59 -4.82 17.47 41.90
N PHE F 60 -5.93 17.37 41.18
CA PHE F 60 -5.94 17.48 39.74
C PHE F 60 -6.92 18.56 39.32
N PRO F 61 -6.48 19.82 39.38
CA PRO F 61 -7.29 20.98 39.04
C PRO F 61 -7.49 21.26 37.55
N ILE F 62 -8.71 21.67 37.20
CA ILE F 62 -9.09 22.04 35.83
C ILE F 62 -9.55 23.49 35.97
N PRO F 63 -8.72 24.44 35.52
CA PRO F 63 -9.09 25.86 35.63
C PRO F 63 -10.35 26.30 34.89
N SER F 64 -10.61 25.64 33.77
CA SER F 64 -11.76 25.99 32.95
C SER F 64 -12.11 24.71 32.20
N ILE F 65 -13.21 24.07 32.61
CA ILE F 65 -13.61 22.83 31.98
C ILE F 65 -14.24 22.99 30.58
N THR F 66 -13.92 22.04 29.70
CA THR F 66 -14.44 22.00 28.33
C THR F 66 -15.05 20.62 28.08
N TRP F 67 -15.69 20.46 26.92
CA TRP F 67 -16.31 19.18 26.56
C TRP F 67 -15.31 18.05 26.60
N GLU F 68 -14.08 18.38 26.22
CA GLU F 68 -12.98 17.41 26.17
C GLU F 68 -12.61 16.81 27.52
N HIS F 69 -12.96 17.50 28.61
CA HIS F 69 -12.66 17.02 29.95
C HIS F 69 -13.70 16.00 30.42
N ALA F 70 -14.91 16.09 29.87
CA ALA F 70 -16.00 15.19 30.24
C ALA F 70 -15.63 13.72 30.15
N GLY F 71 -16.10 12.92 31.11
CA GLY F 71 -15.79 11.51 31.09
C GLY F 71 -15.90 10.81 32.41
N ARG F 72 -15.55 9.53 32.42
CA ARG F 72 -15.60 8.68 33.62
C ARG F 72 -14.15 8.51 34.08
N TYR F 73 -13.83 9.02 35.27
CA TYR F 73 -12.47 8.91 35.79
C TYR F 73 -12.31 8.01 37.02
N ARG F 74 -11.08 7.57 37.25
CA ARG F 74 -10.72 6.77 38.41
C ARG F 74 -9.30 7.13 38.79
N CYS F 75 -8.96 6.95 40.07
CA CYS F 75 -7.60 7.22 40.51
C CYS F 75 -7.07 6.08 41.38
N TYR F 76 -5.75 6.04 41.54
CA TYR F 76 -5.08 5.05 42.34
C TYR F 76 -3.73 5.67 42.66
N TYR F 77 -2.84 4.90 43.29
CA TYR F 77 -1.53 5.45 43.62
C TYR F 77 -0.47 4.34 43.52
N GLY F 78 0.78 4.72 43.30
CA GLY F 78 1.82 3.71 43.19
C GLY F 78 2.69 3.76 41.95
N SER F 79 3.56 2.76 41.83
CA SER F 79 4.52 2.62 40.72
C SER F 79 5.01 1.18 40.78
N ASP F 80 5.88 0.78 39.86
CA ASP F 80 6.41 -0.58 39.87
C ASP F 80 7.16 -0.80 41.17
N THR F 81 8.00 0.17 41.47
CA THR F 81 8.83 0.22 42.65
C THR F 81 8.04 0.20 43.96
N ALA F 82 7.03 1.05 44.06
CA ALA F 82 6.22 1.15 45.27
C ALA F 82 5.05 0.19 45.36
N GLY F 83 4.65 -0.36 44.23
CA GLY F 83 3.47 -1.22 44.21
C GLY F 83 2.34 -0.28 43.85
N ARG F 84 1.21 -0.80 43.37
CA ARG F 84 0.07 0.05 43.00
C ARG F 84 -1.16 -0.37 43.77
N SER F 85 -2.07 0.57 44.02
CA SER F 85 -3.30 0.26 44.74
C SER F 85 -4.36 -0.13 43.73
N GLU F 86 -5.51 -0.55 44.22
CA GLU F 86 -6.62 -0.85 43.34
C GLU F 86 -7.27 0.50 43.00
N SER F 87 -8.00 0.55 41.90
CA SER F 87 -8.63 1.80 41.48
C SER F 87 -9.83 2.22 42.29
N SER F 88 -9.96 3.53 42.48
CA SER F 88 -11.09 4.09 43.21
C SER F 88 -12.36 3.83 42.45
N ASP F 89 -13.48 4.12 43.08
CA ASP F 89 -14.77 4.00 42.45
C ASP F 89 -14.74 5.04 41.34
N PRO F 90 -15.52 4.82 40.28
CA PRO F 90 -15.54 5.76 39.16
C PRO F 90 -16.28 7.08 39.45
N LEU F 91 -15.79 8.17 38.88
CA LEU F 91 -16.45 9.45 39.05
C LEU F 91 -16.78 9.92 37.64
N GLU F 92 -18.04 10.28 37.45
CA GLU F 92 -18.51 10.75 36.15
C GLU F 92 -18.51 12.25 36.17
N LEU F 93 -17.60 12.84 35.41
CA LEU F 93 -17.45 14.28 35.34
C LEU F 93 -18.24 14.79 34.14
N VAL F 94 -19.33 15.49 34.42
CA VAL F 94 -20.22 16.00 33.40
C VAL F 94 -19.98 17.49 33.13
N VAL F 95 -20.09 17.88 31.87
CA VAL F 95 -19.98 19.29 31.47
C VAL F 95 -21.32 19.66 30.85
N THR F 96 -21.92 20.74 31.35
CA THR F 96 -23.20 21.17 30.84
C THR F 96 -23.08 22.48 30.07
N GLY F 97 -24.07 22.75 29.22
CA GLY F 97 -24.07 24.01 28.49
C GLY F 97 -23.88 23.98 26.99
N ALA F 98 -23.68 22.79 26.42
CA ALA F 98 -23.41 22.69 24.99
C ALA F 98 -24.58 22.92 24.05
N TYR F 99 -25.81 22.63 24.48
CA TYR F 99 -26.95 22.78 23.58
C TYR F 99 -28.02 23.68 24.15
N ILE F 100 -28.94 24.10 23.29
CA ILE F 100 -30.02 24.96 23.75
C ILE F 100 -30.85 24.18 24.77
N LYS F 101 -31.38 24.91 25.74
CA LYS F 101 -32.11 24.31 26.83
C LYS F 101 -33.42 23.61 26.55
N PRO F 102 -33.67 22.48 27.23
CA PRO F 102 -34.92 21.76 27.02
C PRO F 102 -35.96 22.48 27.89
N THR F 103 -37.20 22.03 27.84
CA THR F 103 -38.20 22.66 28.68
C THR F 103 -38.88 21.60 29.55
N LEU F 104 -38.96 21.88 30.84
CA LEU F 104 -39.55 20.96 31.80
C LEU F 104 -40.91 21.40 32.32
N SER F 105 -41.88 20.49 32.28
CA SER F 105 -43.22 20.80 32.78
C SER F 105 -43.83 19.64 33.60
N ALA F 106 -44.80 19.98 34.44
CA ALA F 106 -45.52 19.02 35.28
C ALA F 106 -46.74 18.64 34.44
N GLN F 107 -46.83 17.37 34.04
CA GLN F 107 -47.92 16.92 33.14
C GLN F 107 -49.37 17.28 33.47
N PRO F 108 -49.91 16.89 34.64
CA PRO F 108 -51.27 17.44 34.60
C PRO F 108 -51.11 18.94 34.85
N SER F 109 -50.50 19.25 35.99
CA SER F 109 -50.31 20.62 36.43
C SER F 109 -49.17 20.77 37.43
N PRO F 110 -48.61 22.00 37.56
CA PRO F 110 -47.52 22.16 38.54
C PRO F 110 -48.09 22.26 39.95
N VAL F 111 -49.42 22.33 40.03
CA VAL F 111 -50.13 22.40 41.31
C VAL F 111 -50.46 20.97 41.69
N VAL F 112 -49.87 20.52 42.80
CA VAL F 112 -50.04 19.14 43.20
C VAL F 112 -50.59 18.94 44.62
N ASN F 113 -51.43 17.92 44.79
CA ASN F 113 -52.03 17.56 46.08
C ASN F 113 -50.94 17.04 47.00
N SER F 114 -51.03 17.36 48.30
CA SER F 114 -50.04 16.87 49.25
C SER F 114 -50.11 15.35 49.22
N GLY F 115 -48.96 14.70 49.21
CA GLY F 115 -48.93 13.25 49.16
C GLY F 115 -49.09 12.73 47.74
N GLY F 116 -49.23 13.64 46.78
CA GLY F 116 -49.39 13.21 45.41
C GLY F 116 -48.11 12.92 44.66
N ASN F 117 -48.26 12.26 43.52
CA ASN F 117 -47.17 11.93 42.60
C ASN F 117 -47.46 12.74 41.35
N VAL F 118 -46.46 13.40 40.78
CA VAL F 118 -46.70 14.14 39.54
C VAL F 118 -45.78 13.62 38.44
N THR F 119 -46.19 13.84 37.20
CA THR F 119 -45.39 13.41 36.07
C THR F 119 -44.69 14.65 35.55
N LEU F 120 -43.37 14.59 35.41
CA LEU F 120 -42.59 15.70 34.89
C LEU F 120 -42.13 15.31 33.50
N GLN F 121 -42.29 16.22 32.55
CA GLN F 121 -41.91 15.95 31.19
C GLN F 121 -40.83 16.91 30.69
N CYS F 122 -39.73 16.34 30.20
CA CYS F 122 -38.64 17.13 29.69
C CYS F 122 -38.69 17.07 28.17
N ASP F 123 -38.92 18.23 27.55
CA ASP F 123 -39.04 18.36 26.10
C ASP F 123 -37.84 19.06 25.47
N SER F 124 -37.35 18.51 24.36
CA SER F 124 -36.23 19.10 23.61
C SER F 124 -36.62 19.27 22.15
N GLN F 125 -36.37 20.44 21.58
CA GLN F 125 -36.66 20.65 20.16
C GLN F 125 -35.45 20.20 19.32
N VAL F 126 -34.41 19.75 20.01
CA VAL F 126 -33.24 19.19 19.35
C VAL F 126 -33.35 17.70 19.64
N ALA F 127 -33.18 16.86 18.63
CA ALA F 127 -33.28 15.44 18.81
C ALA F 127 -32.17 14.91 19.71
N PHE F 128 -32.58 14.31 20.82
CA PHE F 128 -31.70 13.74 21.84
C PHE F 128 -32.39 12.49 22.40
N ASP F 129 -31.58 11.53 22.81
CA ASP F 129 -32.07 10.25 23.33
C ASP F 129 -31.88 10.16 24.83
N GLY F 130 -31.15 11.11 25.40
CA GLY F 130 -30.91 11.10 26.82
C GLY F 130 -31.49 12.29 27.55
N PHE F 131 -32.06 12.03 28.72
CA PHE F 131 -32.64 13.09 29.53
C PHE F 131 -32.29 12.90 31.00
N ILE F 132 -32.06 14.02 31.67
CA ILE F 132 -31.67 14.05 33.07
C ILE F 132 -32.63 14.91 33.89
N LEU F 133 -33.05 14.40 35.05
CA LEU F 133 -33.90 15.18 35.95
C LEU F 133 -33.05 15.38 37.20
N CYS F 134 -32.91 16.62 37.62
CA CYS F 134 -32.11 16.90 38.81
C CYS F 134 -32.96 17.68 39.78
N LYS F 135 -32.98 17.21 41.02
CA LYS F 135 -33.73 17.88 42.07
C LYS F 135 -32.80 18.97 42.57
N GLU F 136 -33.33 20.17 42.76
CA GLU F 136 -32.52 21.31 43.19
C GLU F 136 -33.09 21.98 44.44
N GLY F 137 -32.29 22.86 45.05
CA GLY F 137 -32.72 23.56 46.24
C GLY F 137 -32.05 22.93 47.44
N GLU F 138 -31.28 21.88 47.17
CA GLU F 138 -30.54 21.13 48.18
C GLU F 138 -29.21 20.68 47.54
N GLN F 143 -28.52 15.76 42.85
CA GLN F 143 -28.97 14.39 42.65
C GLN F 143 -29.79 14.34 41.37
N CYS F 144 -29.33 13.57 40.41
CA CYS F 144 -30.03 13.50 39.14
C CYS F 144 -30.42 12.10 38.70
N LEU F 145 -31.54 12.02 38.00
CA LEU F 145 -32.03 10.75 37.47
C LEU F 145 -32.03 10.78 35.96
N ASN F 146 -31.65 9.65 35.41
CA ASN F 146 -31.56 9.39 33.98
C ASN F 146 -32.95 8.89 33.51
N SER F 147 -33.23 8.94 32.21
CA SER F 147 -34.49 8.46 31.62
C SER F 147 -34.66 8.91 30.19
N ARG F 156 -38.45 13.62 24.13
CA ARG F 156 -38.94 13.91 25.48
C ARG F 156 -38.88 12.69 26.37
N ALA F 157 -38.77 12.93 27.67
CA ALA F 157 -38.72 11.86 28.65
C ALA F 157 -39.70 12.22 29.73
N ILE F 158 -40.15 11.19 30.42
CA ILE F 158 -41.14 11.36 31.46
C ILE F 158 -40.61 10.80 32.78
N PHE F 159 -40.75 11.58 33.85
CA PHE F 159 -40.31 11.16 35.17
C PHE F 159 -41.47 11.25 36.15
N SER F 160 -41.52 10.33 37.10
CA SER F 160 -42.57 10.35 38.11
C SER F 160 -41.91 10.81 39.38
N VAL F 161 -42.54 11.74 40.07
CA VAL F 161 -41.94 12.31 41.27
C VAL F 161 -42.94 12.30 42.44
N GLY F 162 -42.42 12.14 43.67
CA GLY F 162 -43.28 12.13 44.85
C GLY F 162 -43.10 10.93 45.78
N PRO F 163 -43.96 10.79 46.81
CA PRO F 163 -45.08 11.67 47.16
C PRO F 163 -44.59 13.05 47.58
N VAL F 164 -45.20 14.10 47.06
CA VAL F 164 -44.77 15.42 47.44
C VAL F 164 -45.40 15.87 48.75
N SER F 165 -44.78 16.87 49.39
CA SER F 165 -45.24 17.40 50.66
C SER F 165 -45.04 18.91 50.67
N PRO F 166 -45.91 19.65 51.37
CA PRO F 166 -45.76 21.10 51.41
C PRO F 166 -44.70 21.55 52.40
N SER F 167 -44.11 20.59 53.12
CA SER F 167 -43.11 20.92 54.11
C SER F 167 -41.73 21.18 53.50
N ARG F 168 -41.51 20.70 52.28
CA ARG F 168 -40.23 20.94 51.63
C ARG F 168 -40.37 21.51 50.23
N ARG F 169 -39.25 21.87 49.62
CA ARG F 169 -39.30 22.38 48.27
C ARG F 169 -39.18 21.25 47.28
N TRP F 170 -39.89 21.38 46.17
CA TRP F 170 -39.81 20.37 45.13
C TRP F 170 -39.47 21.16 43.88
N TRP F 171 -38.16 21.35 43.69
CA TRP F 171 -37.59 22.11 42.59
C TRP F 171 -36.80 21.22 41.62
N TYR F 172 -37.02 21.40 40.32
CA TYR F 172 -36.33 20.60 39.31
C TYR F 172 -35.89 21.35 38.07
N ARG F 173 -34.92 20.74 37.37
CA ARG F 173 -34.40 21.22 36.10
C ARG F 173 -34.05 19.95 35.35
N CYS F 174 -34.10 19.99 34.03
CA CYS F 174 -33.72 18.83 33.28
C CYS F 174 -32.72 19.21 32.21
N TYR F 175 -32.02 18.19 31.72
CA TYR F 175 -31.01 18.35 30.69
C TYR F 175 -31.23 17.27 29.65
N ALA F 176 -30.80 17.55 28.42
CA ALA F 176 -30.88 16.58 27.34
C ALA F 176 -29.42 16.27 26.93
N TYR F 177 -29.19 15.11 26.33
CA TYR F 177 -27.85 14.76 25.90
C TYR F 177 -27.94 13.61 24.91
N ASP F 178 -26.84 13.36 24.21
CA ASP F 178 -26.77 12.27 23.25
C ASP F 178 -26.08 11.12 23.97
N SER F 179 -26.70 9.95 23.99
CA SER F 179 -26.14 8.80 24.70
C SER F 179 -24.77 8.36 24.20
N ASN F 180 -24.35 8.85 23.04
CA ASN F 180 -23.04 8.51 22.54
C ASN F 180 -22.00 9.35 23.23
N SER F 181 -22.45 10.44 23.85
CA SER F 181 -21.59 11.36 24.61
C SER F 181 -22.39 11.70 25.85
N PRO F 182 -22.66 10.71 26.69
CA PRO F 182 -23.45 10.85 27.93
C PRO F 182 -23.01 11.84 29.00
N TYR F 183 -21.80 12.36 28.91
CA TYR F 183 -21.30 13.28 29.93
C TYR F 183 -21.24 14.71 29.44
N GLU F 184 -21.89 14.97 28.32
CA GLU F 184 -21.90 16.31 27.76
C GLU F 184 -23.36 16.71 27.67
N TRP F 185 -23.83 17.56 28.58
CA TRP F 185 -25.24 17.94 28.56
C TRP F 185 -25.59 19.33 28.01
N SER F 186 -26.86 19.49 27.66
CA SER F 186 -27.37 20.74 27.16
C SER F 186 -27.36 21.72 28.32
N LEU F 187 -27.83 22.93 28.07
CA LEU F 187 -27.95 23.93 29.11
C LEU F 187 -29.13 23.40 29.94
N PRO F 188 -29.26 23.82 31.19
CA PRO F 188 -30.39 23.30 31.96
C PRO F 188 -31.70 24.02 31.62
N SER F 189 -32.82 23.30 31.68
CA SER F 189 -34.11 23.90 31.45
C SER F 189 -34.29 24.90 32.57
N ASP F 190 -35.32 25.74 32.45
CA ASP F 190 -35.61 26.68 33.52
C ASP F 190 -36.01 25.87 34.74
N LEU F 191 -35.93 26.51 35.90
CA LEU F 191 -36.29 25.84 37.13
C LEU F 191 -37.80 25.71 37.28
N LEU F 192 -38.23 24.49 37.60
CA LEU F 192 -39.64 24.18 37.81
C LEU F 192 -39.88 23.97 39.31
N GLU F 193 -40.78 24.75 39.88
CA GLU F 193 -41.10 24.65 41.29
C GLU F 193 -42.53 24.13 41.43
N LEU F 194 -42.71 23.00 42.10
CA LEU F 194 -44.05 22.47 42.28
C LEU F 194 -44.74 23.24 43.41
N LEU F 195 -46.06 23.45 43.28
CA LEU F 195 -46.85 24.11 44.33
C LEU F 195 -47.66 23.00 44.95
N VAL F 196 -47.33 22.68 46.19
CA VAL F 196 -47.97 21.58 46.90
C VAL F 196 -49.11 22.04 47.80
N LEU F 197 -50.32 21.57 47.47
CA LEU F 197 -51.52 21.88 48.24
C LEU F 197 -51.53 21.01 49.50
N GLY F 198 -51.89 21.62 50.62
CA GLY F 198 -51.94 20.90 51.88
C GLY F 198 -51.25 21.76 52.91
N ALA G 1 -27.13 9.45 -14.61
CA ALA G 1 -27.88 10.55 -15.30
C ALA G 1 -29.21 10.82 -14.62
N LEU G 2 -29.52 12.11 -14.44
CA LEU G 2 -30.74 12.58 -13.81
C LEU G 2 -31.97 12.17 -14.62
N PRO G 3 -33.14 12.10 -13.99
CA PRO G 3 -34.30 11.73 -14.81
C PRO G 3 -34.76 13.04 -15.45
N HIS G 4 -35.77 13.00 -16.32
CA HIS G 4 -36.23 14.22 -16.96
C HIS G 4 -37.31 14.99 -16.18
N ALA G 5 -38.18 14.27 -15.46
CA ALA G 5 -39.27 14.91 -14.71
C ALA G 5 -39.38 14.52 -13.22
N ILE G 6 -40.01 15.40 -12.44
CA ILE G 6 -40.25 15.16 -11.00
C ILE G 6 -41.76 15.11 -10.76
N LEU G 7 -42.17 14.58 -9.62
CA LEU G 7 -43.58 14.52 -9.30
C LEU G 7 -44.10 15.95 -9.08
N ARG G 8 -45.30 16.23 -9.58
CA ARG G 8 -45.88 17.58 -9.48
C ARG G 8 -46.58 17.92 -8.16
N LEU G 9 -46.39 17.08 -7.15
CA LEU G 9 -47.00 17.27 -5.83
C LEU G 9 -46.96 18.71 -5.30
N ALA H 1 29.90 11.83 -1.31
CA ALA H 1 30.77 12.59 -2.25
C ALA H 1 32.08 11.84 -2.55
N LEU H 2 32.57 11.99 -3.77
CA LEU H 2 33.81 11.36 -4.23
C LEU H 2 35.02 11.76 -3.38
N PRO H 3 36.06 10.91 -3.33
CA PRO H 3 37.22 11.33 -2.55
C PRO H 3 38.03 12.26 -3.46
N HIS H 4 38.95 13.03 -2.91
CA HIS H 4 39.76 13.93 -3.72
C HIS H 4 40.94 13.15 -4.33
N ALA H 5 41.36 12.11 -3.62
CA ALA H 5 42.52 11.30 -4.03
C ALA H 5 42.29 9.88 -4.58
N ILE H 6 43.10 9.57 -5.60
CA ILE H 6 43.12 8.28 -6.30
C ILE H 6 44.48 7.62 -6.02
N LEU H 7 44.53 6.29 -5.93
CA LEU H 7 45.82 5.64 -5.72
C LEU H 7 46.59 5.63 -7.03
N ARG H 8 47.91 5.78 -6.94
CA ARG H 8 48.77 5.81 -8.13
C ARG H 8 49.28 4.40 -8.52
N LEU H 9 48.80 3.88 -9.65
CA LEU H 9 49.24 2.57 -10.11
C LEU H 9 50.03 2.74 -11.41
#